data_7M5M
#
_entry.id   7M5M
#
_cell.length_a   83.579
_cell.length_b   83.579
_cell.length_c   187.494
_cell.angle_alpha   90.000
_cell.angle_beta   90.000
_cell.angle_gamma   120.000
#
_symmetry.space_group_name_H-M   'P 31 2 1'
#
loop_
_entity.id
_entity.type
_entity.pdbx_description
1 polymer 'Proliferating cell nuclear antigen'
2 polymer 'Peptide mimetic (ACE)RQCSMTCFYHSK(NH2) with linker'
3 non-polymer N-BUTANE
#
loop_
_entity_poly.entity_id
_entity_poly.type
_entity_poly.pdbx_seq_one_letter_code
_entity_poly.pdbx_strand_id
1 'polypeptide(L)'
;MFEARLVQGSILKKVLEALKDLINEACWDISSSGVNLQSMDSSHVSLVQLTLRSEGFDTYRCDRNLAMGVNLTSMSKILK
CAGNEDIITLRAEDNADTLALVFEAPNQEKVSDYEMKLMDLDVEQLGIPEQEYSCVVKMPSGEFARICRDLSHIGDAVVI
SCAKDGVKFSASGELGNGNIKLSQTSNVDKEEEAVTIEMNEPVQLTFALRYLNFFTKATPLSSTVTLSMSADVPLVVEYK
IADMGHLKYYLAPKIEDEE
;
A,B,C
2 'polypeptide(L)' (ACE)RQCSMTCFYHSK(NH2) D,E
#
# COMPACT_ATOMS: atom_id res chain seq x y z
N MET A 1 -17.09 -40.67 4.94
CA MET A 1 -16.44 -39.87 5.97
C MET A 1 -15.04 -39.42 5.54
N PHE A 2 -14.67 -38.23 5.99
CA PHE A 2 -13.33 -37.68 5.79
C PHE A 2 -12.68 -37.47 7.16
N GLU A 3 -11.48 -38.00 7.32
CA GLU A 3 -10.73 -37.79 8.55
C GLU A 3 -9.25 -37.87 8.22
N ALA A 4 -8.53 -36.77 8.43
CA ALA A 4 -7.11 -36.68 8.16
C ALA A 4 -6.37 -36.30 9.42
N ARG A 5 -5.23 -36.95 9.64
CA ARG A 5 -4.35 -36.70 10.78
C ARG A 5 -3.04 -36.14 10.25
N LEU A 6 -2.82 -34.85 10.49
CA LEU A 6 -1.56 -34.19 10.15
C LEU A 6 -0.85 -33.92 11.47
N VAL A 7 0.41 -34.31 11.58
CA VAL A 7 1.12 -34.10 12.83
C VAL A 7 1.85 -32.76 12.85
N GLN A 8 2.43 -32.37 11.72
CA GLN A 8 3.03 -31.05 11.61
C GLN A 8 1.89 -30.07 11.37
N GLY A 9 1.29 -29.61 12.46
CA GLY A 9 0.15 -28.72 12.35
C GLY A 9 0.51 -27.36 11.84
N SER A 10 1.69 -26.86 12.21
CA SER A 10 2.17 -25.56 11.75
C SER A 10 1.91 -25.40 10.26
N ILE A 11 2.20 -26.45 9.49
CA ILE A 11 2.01 -26.40 8.04
C ILE A 11 0.64 -25.80 7.72
N LEU A 12 -0.42 -26.47 8.18
CA LEU A 12 -1.75 -25.98 7.87
C LEU A 12 -1.93 -24.55 8.34
N LYS A 13 -1.50 -24.26 9.56
CA LYS A 13 -1.52 -22.89 10.05
C LYS A 13 -0.91 -21.96 9.01
N LYS A 14 0.35 -22.21 8.67
CA LYS A 14 1.02 -21.38 7.67
C LYS A 14 0.19 -21.30 6.41
N VAL A 15 -0.27 -22.45 5.91
CA VAL A 15 -1.00 -22.47 4.65
C VAL A 15 -2.17 -21.51 4.72
N LEU A 16 -2.92 -21.56 5.82
CA LEU A 16 -4.12 -20.73 5.87
C LEU A 16 -3.76 -19.26 5.96
N GLU A 17 -2.67 -18.93 6.67
CA GLU A 17 -2.22 -17.55 6.71
C GLU A 17 -1.77 -17.08 5.34
N ALA A 18 -1.37 -18.00 4.47
CA ALA A 18 -1.03 -17.67 3.10
C ALA A 18 -2.25 -17.42 2.23
N LEU A 19 -3.44 -17.80 2.69
CA LEU A 19 -4.65 -17.68 1.88
C LEU A 19 -5.67 -16.69 2.40
N LYS A 20 -5.78 -16.50 3.73
CA LYS A 20 -6.85 -15.69 4.27
C LYS A 20 -6.86 -14.30 3.64
N ASP A 21 -5.69 -13.67 3.52
CA ASP A 21 -5.60 -12.29 3.06
C ASP A 21 -5.70 -12.15 1.54
N LEU A 22 -5.58 -13.24 0.78
CA LEU A 22 -5.67 -13.17 -0.67
C LEU A 22 -7.05 -13.58 -1.18
N ILE A 23 -7.60 -14.68 -0.67
CA ILE A 23 -8.91 -15.17 -1.10
C ILE A 23 -9.81 -15.23 0.13
N ASN A 24 -11.05 -14.79 -0.05
CA ASN A 24 -12.04 -14.79 1.03
C ASN A 24 -12.70 -16.17 1.14
N GLU A 25 -13.60 -16.47 0.21
CA GLU A 25 -14.27 -17.76 0.18
C GLU A 25 -13.49 -18.72 -0.71
N ALA A 26 -13.51 -20.00 -0.35
CA ALA A 26 -12.72 -20.97 -1.10
C ALA A 26 -13.41 -22.33 -1.11
N CYS A 27 -13.08 -23.13 -2.13
CA CYS A 27 -13.61 -24.47 -2.31
C CYS A 27 -12.48 -25.46 -2.05
N TRP A 28 -12.53 -26.13 -0.91
CA TRP A 28 -11.57 -27.18 -0.60
C TRP A 28 -12.04 -28.46 -1.27
N ASP A 29 -11.17 -29.06 -2.08
CA ASP A 29 -11.47 -30.30 -2.78
C ASP A 29 -10.78 -31.46 -2.08
N ILE A 30 -11.57 -32.30 -1.41
CA ILE A 30 -11.06 -33.51 -0.76
C ILE A 30 -11.35 -34.68 -1.67
N SER A 31 -10.31 -35.45 -1.98
CA SER A 31 -10.44 -36.65 -2.80
C SER A 31 -9.46 -37.69 -2.28
N SER A 32 -9.56 -38.89 -2.84
CA SER A 32 -8.70 -39.99 -2.40
C SER A 32 -7.22 -39.64 -2.49
N SER A 33 -6.86 -38.67 -3.34
CA SER A 33 -5.45 -38.28 -3.46
C SER A 33 -5.04 -37.34 -2.32
N GLY A 34 -5.89 -36.36 -2.01
CA GLY A 34 -5.58 -35.43 -0.94
C GLY A 34 -6.48 -34.22 -1.02
N VAL A 35 -5.97 -33.10 -0.51
CA VAL A 35 -6.69 -31.84 -0.55
C VAL A 35 -6.16 -31.02 -1.72
N ASN A 36 -7.08 -30.41 -2.46
CA ASN A 36 -6.73 -29.55 -3.57
C ASN A 36 -7.66 -28.34 -3.54
N LEU A 37 -7.08 -27.16 -3.53
CA LEU A 37 -7.84 -25.92 -3.49
C LEU A 37 -7.41 -25.06 -4.65
N GLN A 38 -8.38 -24.42 -5.31
CA GLN A 38 -8.09 -23.61 -6.49
C GLN A 38 -9.12 -22.50 -6.55
N SER A 39 -8.66 -21.25 -6.43
CA SER A 39 -9.60 -20.15 -6.39
C SER A 39 -8.96 -18.88 -6.93
N MET A 40 -9.83 -17.97 -7.33
CA MET A 40 -9.45 -16.65 -7.84
C MET A 40 -9.68 -15.60 -6.77
N ASP A 41 -9.10 -14.42 -7.00
CA ASP A 41 -9.39 -13.31 -6.10
C ASP A 41 -10.68 -12.61 -6.54
N SER A 42 -11.11 -11.65 -5.72
CA SER A 42 -12.38 -10.99 -6.01
C SER A 42 -12.37 -10.27 -7.36
N SER A 43 -11.19 -9.90 -7.86
CA SER A 43 -11.07 -9.18 -9.12
C SER A 43 -10.63 -10.08 -10.27
N HIS A 44 -10.41 -11.36 -10.03
CA HIS A 44 -10.00 -12.26 -11.10
C HIS A 44 -8.68 -11.82 -11.75
N VAL A 45 -7.73 -11.40 -10.91
CA VAL A 45 -6.40 -11.01 -11.37
C VAL A 45 -5.32 -12.01 -10.94
N SER A 46 -5.55 -12.80 -9.88
CA SER A 46 -4.61 -13.83 -9.46
C SER A 46 -5.36 -15.13 -9.23
N LEU A 47 -4.60 -16.18 -8.96
CA LEU A 47 -5.17 -17.51 -8.78
C LEU A 47 -4.27 -18.33 -7.85
N VAL A 48 -4.86 -18.91 -6.81
CA VAL A 48 -4.14 -19.74 -5.87
C VAL A 48 -4.51 -21.20 -6.12
N GLN A 49 -3.50 -22.07 -6.11
CA GLN A 49 -3.68 -23.50 -6.28
C GLN A 49 -2.84 -24.20 -5.22
N LEU A 50 -3.50 -24.75 -4.22
CA LEU A 50 -2.86 -25.50 -3.15
C LEU A 50 -3.08 -26.99 -3.37
N THR A 51 -2.03 -27.78 -3.18
CA THR A 51 -2.11 -29.22 -3.29
C THR A 51 -1.41 -29.82 -2.08
N LEU A 52 -2.16 -30.59 -1.28
CA LEU A 52 -1.62 -31.35 -0.16
C LEU A 52 -1.94 -32.82 -0.41
N ARG A 53 -0.92 -33.65 -0.49
CA ARG A 53 -1.11 -35.04 -0.89
C ARG A 53 -1.32 -35.94 0.32
N SER A 54 -2.20 -36.92 0.17
CA SER A 54 -2.45 -37.89 1.24
C SER A 54 -1.16 -38.51 1.72
N GLU A 55 -0.11 -38.50 0.88
CA GLU A 55 1.18 -39.02 1.26
C GLU A 55 1.89 -38.14 2.28
N GLY A 56 1.28 -37.02 2.67
CA GLY A 56 1.89 -36.17 3.68
C GLY A 56 1.27 -36.30 5.06
N PHE A 57 0.11 -36.94 5.16
CA PHE A 57 -0.58 -37.06 6.44
C PHE A 57 -0.18 -38.34 7.17
N ASP A 58 -0.32 -38.32 8.50
CA ASP A 58 -0.10 -39.54 9.28
C ASP A 58 -1.24 -40.53 9.08
N THR A 59 -2.45 -40.03 8.90
CA THR A 59 -3.61 -40.88 8.64
C THR A 59 -4.55 -40.10 7.73
N TYR A 60 -4.86 -40.66 6.57
CA TYR A 60 -5.76 -40.03 5.62
C TYR A 60 -6.81 -41.05 5.23
N ARG A 61 -8.07 -40.64 5.33
CA ARG A 61 -9.20 -41.47 4.94
C ARG A 61 -10.21 -40.60 4.22
N CYS A 62 -10.56 -40.99 3.00
CA CYS A 62 -11.60 -40.32 2.24
C CYS A 62 -12.51 -41.37 1.64
N ASP A 63 -13.81 -41.12 1.75
CA ASP A 63 -14.81 -42.06 1.26
C ASP A 63 -15.38 -41.51 -0.05
N ARG A 64 -16.17 -40.45 0.05
CA ARG A 64 -16.72 -39.78 -1.11
C ARG A 64 -15.94 -38.50 -1.39
N ASN A 65 -15.79 -38.17 -2.67
CA ASN A 65 -15.16 -36.91 -3.03
C ASN A 65 -15.98 -35.78 -2.43
N LEU A 66 -15.37 -35.02 -1.53
CA LEU A 66 -16.05 -33.97 -0.80
C LEU A 66 -15.62 -32.59 -1.29
N ALA A 67 -16.56 -31.66 -1.33
CA ALA A 67 -16.34 -30.30 -1.83
C ALA A 67 -16.80 -29.32 -0.74
N MET A 68 -15.86 -28.86 0.08
CA MET A 68 -16.19 -28.04 1.23
C MET A 68 -16.10 -26.55 0.88
N GLY A 69 -17.20 -25.83 1.04
CA GLY A 69 -17.17 -24.39 0.88
C GLY A 69 -16.79 -23.75 2.20
N VAL A 70 -15.61 -23.13 2.27
CA VAL A 70 -15.07 -22.64 3.53
C VAL A 70 -14.78 -21.15 3.42
N ASN A 71 -15.03 -20.44 4.52
CA ASN A 71 -14.62 -19.05 4.66
C ASN A 71 -13.22 -19.05 5.26
N LEU A 72 -12.25 -18.53 4.51
CA LEU A 72 -10.86 -18.64 4.94
C LEU A 72 -10.56 -17.75 6.14
N THR A 73 -11.30 -16.65 6.30
CA THR A 73 -11.11 -15.80 7.46
C THR A 73 -11.50 -16.52 8.76
N SER A 74 -12.69 -17.13 8.77
CA SER A 74 -13.13 -17.88 9.93
C SER A 74 -12.18 -19.03 10.22
N MET A 75 -11.74 -19.73 9.18
CA MET A 75 -10.81 -20.84 9.38
C MET A 75 -9.48 -20.35 9.92
N SER A 76 -9.03 -19.16 9.49
CA SER A 76 -7.79 -18.61 10.01
C SER A 76 -7.93 -18.26 11.48
N LYS A 77 -9.07 -17.67 11.86
CA LYS A 77 -9.34 -17.46 13.27
C LYS A 77 -9.23 -18.77 14.04
N ILE A 78 -9.96 -19.80 13.59
CA ILE A 78 -9.97 -21.08 14.31
C ILE A 78 -8.59 -21.71 14.38
N LEU A 79 -7.75 -21.48 13.36
CA LEU A 79 -6.43 -22.10 13.36
C LEU A 79 -5.43 -21.31 14.21
N LYS A 80 -5.64 -20.00 14.38
CA LYS A 80 -4.79 -19.25 15.28
C LYS A 80 -4.89 -19.77 16.72
N CYS A 81 -5.94 -20.49 17.06
CA CYS A 81 -6.06 -21.13 18.37
C CYS A 81 -5.26 -22.42 18.46
N ALA A 82 -4.44 -22.74 17.46
CA ALA A 82 -3.66 -23.96 17.43
C ALA A 82 -2.19 -23.66 17.65
N GLY A 83 -1.49 -24.62 18.25
CA GLY A 83 -0.07 -24.49 18.46
C GLY A 83 0.73 -24.97 17.25
N ASN A 84 1.90 -24.35 17.06
CA ASN A 84 2.74 -24.72 15.92
C ASN A 84 3.18 -26.18 15.98
N GLU A 85 3.25 -26.74 17.19
CA GLU A 85 3.61 -28.14 17.37
C GLU A 85 2.39 -29.02 17.60
N ASP A 86 1.19 -28.45 17.56
CA ASP A 86 -0.02 -29.22 17.78
C ASP A 86 -0.27 -30.16 16.60
N ILE A 87 -0.76 -31.35 16.90
CA ILE A 87 -1.17 -32.30 15.88
C ILE A 87 -2.62 -31.99 15.51
N ILE A 88 -2.86 -31.69 14.24
CA ILE A 88 -4.18 -31.29 13.78
C ILE A 88 -4.87 -32.51 13.17
N THR A 89 -6.19 -32.60 13.39
CA THR A 89 -7.01 -33.65 12.81
C THR A 89 -8.26 -33.01 12.26
N LEU A 90 -8.47 -33.13 10.95
CA LEU A 90 -9.66 -32.61 10.30
C LEU A 90 -10.64 -33.73 10.02
N ARG A 91 -11.93 -33.47 10.23
CA ARG A 91 -12.91 -34.49 9.91
C ARG A 91 -14.23 -33.86 9.51
N ALA A 92 -14.96 -34.59 8.67
CA ALA A 92 -16.29 -34.17 8.22
C ALA A 92 -17.05 -35.41 7.76
N GLU A 93 -18.37 -35.32 7.81
CA GLU A 93 -19.23 -36.39 7.35
C GLU A 93 -19.60 -36.18 5.89
N ASP A 94 -20.08 -37.25 5.26
CA ASP A 94 -20.48 -37.16 3.85
C ASP A 94 -21.62 -36.16 3.68
N ASN A 95 -22.63 -36.23 4.54
CA ASN A 95 -23.71 -35.27 4.50
C ASN A 95 -23.56 -34.28 5.65
N ALA A 96 -22.45 -33.56 5.66
CA ALA A 96 -22.14 -32.63 6.73
C ALA A 96 -22.17 -31.20 6.20
N ASP A 97 -22.44 -30.26 7.09
CA ASP A 97 -22.36 -28.83 6.79
C ASP A 97 -21.38 -28.15 7.74
N THR A 98 -20.42 -28.91 8.25
CA THR A 98 -19.47 -28.44 9.25
C THR A 98 -18.22 -29.29 9.16
N LEU A 99 -17.07 -28.65 9.36
CA LEU A 99 -15.79 -29.34 9.48
C LEU A 99 -15.29 -29.23 10.91
N ALA A 100 -14.85 -30.35 11.47
CA ALA A 100 -14.39 -30.40 12.85
C ALA A 100 -12.87 -30.44 12.84
N LEU A 101 -12.27 -29.53 13.60
CA LEU A 101 -10.82 -29.47 13.77
C LEU A 101 -10.47 -29.84 15.21
N VAL A 102 -9.60 -30.82 15.36
CA VAL A 102 -9.19 -31.32 16.66
C VAL A 102 -7.69 -31.09 16.78
N PHE A 103 -7.30 -30.15 17.63
CA PHE A 103 -5.91 -29.88 17.93
C PHE A 103 -5.51 -30.65 19.19
N GLU A 104 -4.56 -31.56 19.04
CA GLU A 104 -4.04 -32.35 20.14
C GLU A 104 -2.65 -31.83 20.45
N ALA A 105 -2.41 -31.45 21.69
CA ALA A 105 -1.08 -31.04 22.07
C ALA A 105 -0.23 -32.29 22.18
N PRO A 106 1.09 -32.16 22.12
CA PRO A 106 1.92 -33.38 22.13
C PRO A 106 1.65 -34.19 23.39
N ASN A 107 0.46 -34.80 23.42
CA ASN A 107 -0.05 -35.53 24.58
C ASN A 107 0.19 -34.74 25.86
N GLN A 108 -0.21 -33.47 25.83
CA GLN A 108 -0.02 -32.55 26.95
C GLN A 108 -1.18 -32.57 27.94
N GLU A 109 -2.22 -33.37 27.68
CA GLU A 109 -3.42 -33.36 28.49
C GLU A 109 -4.27 -32.16 28.12
N LYS A 110 -4.12 -31.70 26.87
CA LYS A 110 -4.93 -30.61 26.34
C LYS A 110 -5.47 -31.03 24.98
N VAL A 111 -6.71 -30.65 24.70
CA VAL A 111 -7.38 -31.04 23.46
C VAL A 111 -8.42 -30.00 23.06
N SER A 112 -8.23 -29.37 21.92
CA SER A 112 -9.16 -28.37 21.41
C SER A 112 -10.02 -28.97 20.30
N ASP A 113 -11.31 -28.67 20.32
CA ASP A 113 -12.28 -29.21 19.37
C ASP A 113 -13.16 -28.07 18.86
N TYR A 114 -12.93 -27.66 17.61
CA TYR A 114 -13.67 -26.58 16.98
C TYR A 114 -14.55 -27.11 15.86
N GLU A 115 -15.72 -26.48 15.68
CA GLU A 115 -16.68 -26.86 14.65
C GLU A 115 -16.96 -25.66 13.76
N MET A 116 -16.46 -25.71 12.52
CA MET A 116 -16.58 -24.61 11.58
C MET A 116 -17.75 -24.85 10.65
N LYS A 117 -18.64 -23.87 10.53
CA LYS A 117 -19.79 -24.01 9.63
C LYS A 117 -19.33 -23.89 8.18
N LEU A 118 -19.87 -24.76 7.34
CA LEU A 118 -19.59 -24.77 5.91
C LEU A 118 -20.67 -24.01 5.16
N MET A 119 -20.51 -23.91 3.84
CA MET A 119 -21.44 -23.16 3.02
C MET A 119 -21.52 -23.77 1.63
N ASP A 120 -22.51 -23.33 0.87
CA ASP A 120 -22.77 -23.84 -0.47
C ASP A 120 -22.15 -22.90 -1.49
N LEU A 121 -21.41 -23.47 -2.45
CA LEU A 121 -20.56 -22.72 -3.35
C LEU A 121 -20.83 -23.09 -4.79
N ASP A 122 -21.08 -22.07 -5.62
CA ASP A 122 -21.21 -22.21 -7.07
C ASP A 122 -19.94 -21.62 -7.68
N VAL A 123 -18.87 -22.41 -7.70
CA VAL A 123 -17.53 -21.93 -8.01
C VAL A 123 -17.28 -21.87 -9.51
N GLU A 124 -16.11 -21.36 -9.89
CA GLU A 124 -15.67 -21.27 -11.27
C GLU A 124 -14.28 -21.91 -11.37
N GLN A 125 -14.21 -23.07 -12.02
CA GLN A 125 -13.02 -23.92 -12.00
C GLN A 125 -12.17 -23.70 -13.25
N LEU A 126 -11.01 -23.08 -13.08
CA LEU A 126 -10.11 -22.74 -14.17
C LEU A 126 -9.19 -23.90 -14.53
N GLY A 127 -8.71 -23.88 -15.77
CA GLY A 127 -7.84 -24.91 -16.30
C GLY A 127 -6.43 -24.41 -16.60
N ILE A 128 -5.45 -24.76 -15.76
CA ILE A 128 -4.06 -24.35 -15.99
C ILE A 128 -3.28 -25.47 -16.66
N PRO A 129 -3.01 -25.39 -17.96
CA PRO A 129 -2.23 -26.44 -18.62
C PRO A 129 -0.74 -26.38 -18.25
N GLU A 130 -0.14 -27.55 -18.12
CA GLU A 130 1.29 -27.65 -17.85
C GLU A 130 2.09 -27.02 -18.99
N GLN A 131 2.97 -26.08 -18.65
CA GLN A 131 3.74 -25.34 -19.63
C GLN A 131 5.24 -25.45 -19.35
N GLU A 132 6.03 -25.10 -20.36
CA GLU A 132 7.45 -24.85 -20.20
C GLU A 132 7.67 -23.35 -20.35
N TYR A 133 8.34 -22.75 -19.36
CA TYR A 133 8.46 -21.29 -19.30
C TYR A 133 9.82 -20.82 -19.76
N SER A 134 9.84 -19.63 -20.34
CA SER A 134 11.09 -19.05 -20.84
C SER A 134 12.12 -18.95 -19.72
N CYS A 135 11.78 -18.23 -18.65
CA CYS A 135 12.69 -18.01 -17.55
C CYS A 135 12.15 -18.66 -16.28
N VAL A 136 13.04 -19.30 -15.53
CA VAL A 136 12.70 -19.96 -14.28
C VAL A 136 13.78 -19.62 -13.27
N VAL A 137 13.43 -18.83 -12.26
CA VAL A 137 14.38 -18.34 -11.27
C VAL A 137 14.04 -18.99 -9.93
N LYS A 138 15.00 -19.72 -9.35
CA LYS A 138 14.87 -20.32 -8.03
C LYS A 138 15.74 -19.51 -7.09
N MET A 139 15.12 -18.80 -6.16
CA MET A 139 15.82 -17.88 -5.28
C MET A 139 15.38 -18.07 -3.84
N PRO A 140 16.05 -17.41 -2.90
CA PRO A 140 15.62 -17.45 -1.50
C PRO A 140 14.25 -16.81 -1.33
N SER A 141 13.45 -17.38 -0.45
CA SER A 141 12.15 -16.78 -0.14
C SER A 141 12.34 -15.38 0.44
N GLY A 142 13.30 -15.23 1.35
CA GLY A 142 13.46 -13.96 2.03
C GLY A 142 13.86 -12.83 1.10
N GLU A 143 14.76 -13.09 0.15
CA GLU A 143 15.18 -12.05 -0.77
C GLU A 143 14.03 -11.60 -1.67
N PHE A 144 13.22 -12.54 -2.16
CA PHE A 144 12.08 -12.17 -2.99
C PHE A 144 11.06 -11.38 -2.19
N ALA A 145 10.79 -11.80 -0.95
CA ALA A 145 9.88 -11.05 -0.10
C ALA A 145 10.42 -9.64 0.15
N ARG A 146 11.72 -9.54 0.42
CA ARG A 146 12.36 -8.25 0.57
C ARG A 146 12.07 -7.38 -0.64
N ILE A 147 12.50 -7.85 -1.82
CA ILE A 147 12.38 -7.05 -3.03
C ILE A 147 10.95 -6.58 -3.25
N CYS A 148 9.98 -7.48 -3.07
CA CYS A 148 8.58 -7.08 -3.23
C CYS A 148 8.22 -5.95 -2.27
N ARG A 149 8.45 -6.16 -0.97
CA ARG A 149 8.15 -5.13 0.02
C ARG A 149 8.85 -3.81 -0.31
N ASP A 150 10.17 -3.86 -0.50
CA ASP A 150 10.96 -2.69 -0.83
C ASP A 150 10.36 -1.92 -2.00
N LEU A 151 10.31 -2.56 -3.18
CA LEU A 151 9.76 -1.91 -4.36
C LEU A 151 8.31 -1.49 -4.19
N SER A 152 7.62 -1.98 -3.16
CA SER A 152 6.26 -1.52 -2.91
C SER A 152 6.22 -0.08 -2.41
N HIS A 153 7.30 0.42 -1.80
CA HIS A 153 7.34 1.80 -1.35
C HIS A 153 7.49 2.79 -2.50
N ILE A 154 8.03 2.35 -3.64
CA ILE A 154 8.28 3.23 -4.78
C ILE A 154 7.02 3.35 -5.62
N GLY A 155 6.62 2.25 -6.25
CA GLY A 155 5.42 2.21 -7.05
C GLY A 155 4.63 0.95 -6.77
N ASP A 156 3.52 0.80 -7.49
CA ASP A 156 2.62 -0.33 -7.28
C ASP A 156 2.91 -1.48 -8.22
N ALA A 157 3.57 -1.23 -9.35
CA ALA A 157 3.89 -2.27 -10.33
C ALA A 157 5.39 -2.47 -10.42
N VAL A 158 5.78 -3.71 -10.72
CA VAL A 158 7.18 -4.10 -10.83
C VAL A 158 7.39 -4.73 -12.20
N VAL A 159 8.48 -4.34 -12.87
CA VAL A 159 8.86 -4.91 -14.15
C VAL A 159 9.96 -5.93 -13.87
N ILE A 160 9.59 -7.21 -13.93
CA ILE A 160 10.53 -8.30 -13.76
C ILE A 160 11.12 -8.65 -15.12
N SER A 161 12.45 -8.59 -15.23
CA SER A 161 13.16 -8.88 -16.46
C SER A 161 14.24 -9.90 -16.16
N CYS A 162 14.13 -11.09 -16.76
CA CYS A 162 15.06 -12.18 -16.55
C CYS A 162 15.93 -12.39 -17.77
N ALA A 163 17.22 -12.63 -17.52
CA ALA A 163 18.23 -12.86 -18.54
C ALA A 163 19.32 -13.75 -17.94
N LYS A 164 20.35 -14.02 -18.74
CA LYS A 164 21.34 -15.04 -18.37
C LYS A 164 22.23 -14.59 -17.22
N ASP A 165 22.49 -13.29 -17.08
CA ASP A 165 23.36 -12.84 -15.99
C ASP A 165 22.64 -12.85 -14.65
N GLY A 166 21.37 -12.45 -14.63
CA GLY A 166 20.62 -12.39 -13.40
C GLY A 166 19.25 -11.83 -13.65
N VAL A 167 18.49 -11.68 -12.57
CA VAL A 167 17.14 -11.14 -12.65
C VAL A 167 17.14 -9.74 -12.07
N LYS A 168 16.26 -8.89 -12.59
CA LYS A 168 16.18 -7.50 -12.17
C LYS A 168 14.72 -7.08 -12.02
N PHE A 169 14.42 -6.46 -10.89
CA PHE A 169 13.08 -6.00 -10.58
C PHE A 169 13.08 -4.48 -10.57
N SER A 170 12.10 -3.88 -11.25
CA SER A 170 12.08 -2.44 -11.49
C SER A 170 10.70 -1.90 -11.12
N ALA A 171 10.70 -0.74 -10.46
CA ALA A 171 9.46 -0.07 -10.07
C ALA A 171 9.60 1.42 -10.35
N SER A 172 8.45 2.08 -10.50
CA SER A 172 8.43 3.50 -10.82
C SER A 172 7.19 4.14 -10.23
N GLY A 173 7.38 5.26 -9.51
CA GLY A 173 6.28 6.00 -8.91
C GLY A 173 6.55 7.49 -8.84
N GLU A 174 5.59 8.20 -8.25
N GLU A 174 5.54 8.20 -8.33
CA GLU A 174 5.63 9.67 -8.19
CA GLU A 174 5.62 9.65 -8.22
C GLU A 174 6.79 10.19 -7.34
C GLU A 174 6.87 10.16 -7.54
N LEU A 175 7.66 9.30 -6.87
CA LEU A 175 8.84 9.73 -6.14
C LEU A 175 10.13 9.10 -6.68
N GLY A 176 10.07 8.40 -7.81
CA GLY A 176 11.29 7.87 -8.39
C GLY A 176 11.19 6.47 -8.97
N ASN A 177 12.30 5.74 -8.93
CA ASN A 177 12.34 4.40 -9.52
C ASN A 177 13.34 3.53 -8.76
N GLY A 178 13.08 2.23 -8.77
CA GLY A 178 13.95 1.28 -8.11
C GLY A 178 14.32 0.13 -9.01
N ASN A 179 15.53 -0.40 -8.80
CA ASN A 179 16.10 -1.46 -9.64
C ASN A 179 16.94 -2.37 -8.75
N ILE A 180 16.38 -3.51 -8.35
CA ILE A 180 17.12 -4.53 -7.62
C ILE A 180 17.63 -5.57 -8.61
N LYS A 181 18.86 -6.03 -8.41
CA LYS A 181 19.51 -6.97 -9.33
C LYS A 181 20.10 -8.13 -8.55
N LEU A 182 19.62 -9.33 -8.83
CA LEU A 182 20.11 -10.56 -8.22
C LEU A 182 20.89 -11.37 -9.25
N SER A 183 22.10 -11.77 -8.89
CA SER A 183 22.99 -12.49 -9.79
C SER A 183 22.94 -13.98 -9.52
N GLN A 184 23.23 -14.77 -10.57
CA GLN A 184 23.18 -16.22 -10.47
C GLN A 184 24.25 -16.72 -9.51
N THR A 185 23.89 -16.89 -8.23
CA THR A 185 24.87 -17.26 -7.23
C THR A 185 25.36 -18.68 -7.48
N SER A 186 26.68 -18.86 -7.46
CA SER A 186 27.31 -20.18 -7.56
C SER A 186 27.92 -20.51 -6.20
N ASN A 187 27.07 -20.93 -5.27
CA ASN A 187 27.50 -21.35 -3.94
C ASN A 187 27.81 -22.84 -4.01
N VAL A 188 29.09 -23.17 -4.17
CA VAL A 188 29.49 -24.57 -4.35
C VAL A 188 29.00 -25.44 -3.20
N ASP A 189 28.98 -24.90 -1.99
CA ASP A 189 28.61 -25.68 -0.80
C ASP A 189 27.16 -25.51 -0.42
N LYS A 190 26.68 -24.27 -0.30
CA LYS A 190 25.31 -24.02 0.14
C LYS A 190 24.33 -24.19 -1.02
N GLU A 191 23.21 -24.84 -0.73
CA GLU A 191 22.14 -25.03 -1.70
C GLU A 191 21.06 -23.96 -1.59
N GLU A 192 20.58 -23.71 -0.37
CA GLU A 192 19.65 -22.59 -0.17
C GLU A 192 20.38 -21.26 -0.24
N GLU A 193 19.59 -20.19 -0.29
CA GLU A 193 20.11 -18.84 -0.47
C GLU A 193 20.98 -18.78 -1.73
N ALA A 194 20.51 -19.43 -2.78
CA ALA A 194 21.13 -19.39 -4.09
C ALA A 194 20.11 -18.91 -5.10
N VAL A 195 20.59 -18.24 -6.14
CA VAL A 195 19.75 -17.75 -7.22
C VAL A 195 20.17 -18.48 -8.49
N THR A 196 19.43 -19.52 -8.85
CA THR A 196 19.67 -20.29 -10.06
C THR A 196 18.67 -19.88 -11.13
N ILE A 197 19.16 -19.62 -12.35
CA ILE A 197 18.31 -19.20 -13.46
C ILE A 197 18.36 -20.26 -14.55
N GLU A 198 17.20 -20.56 -15.12
CA GLU A 198 17.07 -21.40 -16.30
C GLU A 198 16.37 -20.57 -17.37
N MET A 199 17.13 -20.17 -18.39
CA MET A 199 16.65 -19.27 -19.42
C MET A 199 16.50 -19.97 -20.77
N ASN A 200 15.50 -19.55 -21.52
CA ASN A 200 15.35 -19.91 -22.92
C ASN A 200 15.45 -18.70 -23.83
N GLU A 201 14.93 -17.56 -23.40
CA GLU A 201 15.00 -16.28 -24.09
C GLU A 201 14.59 -15.20 -23.09
N PRO A 202 15.33 -14.09 -23.01
CA PRO A 202 15.04 -13.08 -21.99
C PRO A 202 13.56 -12.69 -21.95
N VAL A 203 13.08 -12.37 -20.75
CA VAL A 203 11.68 -12.04 -20.54
C VAL A 203 11.59 -10.72 -19.78
N GLN A 204 10.55 -9.94 -20.07
CA GLN A 204 10.35 -8.67 -19.37
C GLN A 204 8.85 -8.40 -19.26
N LEU A 205 8.29 -8.69 -18.09
CA LEU A 205 6.85 -8.54 -17.87
C LEU A 205 6.59 -7.61 -16.69
N THR A 206 5.40 -7.00 -16.68
CA THR A 206 5.00 -6.07 -15.64
C THR A 206 3.88 -6.67 -14.82
N PHE A 207 4.04 -6.70 -13.50
CA PHE A 207 3.10 -7.32 -12.60
C PHE A 207 2.76 -6.37 -11.45
N ALA A 208 1.59 -6.55 -10.86
CA ALA A 208 1.19 -5.74 -9.72
C ALA A 208 1.91 -6.22 -8.47
N LEU A 209 2.38 -5.26 -7.65
CA LEU A 209 3.13 -5.60 -6.45
C LEU A 209 2.23 -5.93 -5.27
N ARG A 210 1.00 -5.40 -5.24
CA ARG A 210 0.08 -5.76 -4.16
C ARG A 210 -0.13 -7.26 -4.11
N TYR A 211 -0.38 -7.88 -5.26
CA TYR A 211 -0.66 -9.31 -5.26
C TYR A 211 0.60 -10.12 -5.04
N LEU A 212 1.76 -9.61 -5.45
CA LEU A 212 3.01 -10.27 -5.10
C LEU A 212 3.23 -10.27 -3.59
N ASN A 213 2.88 -9.15 -2.94
CA ASN A 213 3.01 -9.09 -1.49
C ASN A 213 1.96 -9.96 -0.79
N PHE A 214 0.79 -10.12 -1.39
CA PHE A 214 -0.14 -11.16 -0.92
C PHE A 214 0.48 -12.54 -1.07
N PHE A 215 1.19 -12.78 -2.17
CA PHE A 215 1.77 -14.09 -2.41
C PHE A 215 2.85 -14.40 -1.39
N THR A 216 3.62 -13.37 -1.02
CA THR A 216 4.78 -13.53 -0.17
C THR A 216 4.44 -13.92 1.26
N LYS A 217 3.15 -14.02 1.60
CA LYS A 217 2.77 -14.46 2.94
C LYS A 217 3.08 -15.94 3.16
N ALA A 218 3.24 -16.71 2.08
CA ALA A 218 3.58 -18.12 2.16
C ALA A 218 5.06 -18.37 2.37
N THR A 219 5.84 -17.33 2.69
CA THR A 219 7.28 -17.50 2.86
C THR A 219 7.64 -18.48 3.95
N PRO A 220 6.97 -18.53 5.10
CA PRO A 220 7.35 -19.52 6.13
C PRO A 220 7.27 -20.96 5.67
N LEU A 221 6.59 -21.24 4.56
CA LEU A 221 6.41 -22.62 4.12
C LEU A 221 7.68 -23.18 3.50
N SER A 222 8.42 -22.38 2.75
CA SER A 222 9.61 -22.85 2.06
C SER A 222 10.75 -21.84 2.22
N SER A 223 11.97 -22.36 2.26
CA SER A 223 13.17 -21.52 2.26
C SER A 223 13.56 -21.07 0.86
N THR A 224 12.90 -21.60 -0.17
CA THR A 224 13.14 -21.21 -1.55
C THR A 224 11.81 -20.92 -2.22
N VAL A 225 11.86 -20.07 -3.24
CA VAL A 225 10.69 -19.76 -4.06
C VAL A 225 11.12 -19.83 -5.52
N THR A 226 10.22 -20.32 -6.37
CA THR A 226 10.50 -20.45 -7.79
C THR A 226 9.54 -19.58 -8.59
N LEU A 227 10.08 -18.59 -9.29
CA LEU A 227 9.32 -17.77 -10.22
C LEU A 227 9.46 -18.35 -11.62
N SER A 228 8.33 -18.43 -12.33
CA SER A 228 8.27 -18.97 -13.67
C SER A 228 7.57 -17.98 -14.57
N MET A 229 8.24 -17.58 -15.66
CA MET A 229 7.79 -16.50 -16.53
C MET A 229 7.97 -16.90 -17.99
N SER A 230 7.01 -16.47 -18.81
CA SER A 230 7.10 -16.57 -20.26
C SER A 230 6.26 -15.44 -20.84
N ALA A 231 6.71 -14.90 -21.97
CA ALA A 231 6.06 -13.73 -22.52
C ALA A 231 4.58 -14.00 -22.74
N ASP A 232 3.75 -13.03 -22.36
CA ASP A 232 2.30 -13.06 -22.53
C ASP A 232 1.59 -14.10 -21.67
N VAL A 233 2.32 -14.82 -20.81
CA VAL A 233 1.69 -15.83 -19.95
C VAL A 233 1.88 -15.47 -18.48
N PRO A 234 0.95 -15.83 -17.61
CA PRO A 234 1.02 -15.38 -16.22
C PRO A 234 2.27 -15.84 -15.50
N LEU A 235 2.55 -15.19 -14.38
CA LEU A 235 3.68 -15.52 -13.52
C LEU A 235 3.29 -16.59 -12.51
N VAL A 236 4.20 -17.55 -12.31
CA VAL A 236 3.99 -18.65 -11.37
C VAL A 236 5.00 -18.53 -10.24
N VAL A 237 4.54 -18.18 -9.05
CA VAL A 237 5.34 -18.21 -7.84
C VAL A 237 5.03 -19.51 -7.10
N GLU A 238 6.03 -20.35 -6.92
CA GLU A 238 5.83 -21.70 -6.39
C GLU A 238 6.61 -21.87 -5.10
N TYR A 239 5.90 -22.20 -4.02
CA TYR A 239 6.46 -22.66 -2.75
C TYR A 239 6.20 -24.14 -2.57
N LYS A 240 7.21 -24.86 -2.09
CA LYS A 240 7.09 -26.30 -1.84
C LYS A 240 6.69 -26.50 -0.38
N ILE A 241 5.59 -27.22 -0.17
CA ILE A 241 5.09 -27.51 1.17
C ILE A 241 5.73 -28.75 1.79
N ALA A 242 7.05 -28.71 1.98
CA ALA A 242 7.77 -29.65 2.82
C ALA A 242 7.53 -31.11 2.43
N ASP A 243 7.55 -31.39 1.12
CA ASP A 243 7.52 -32.78 0.62
C ASP A 243 6.16 -33.45 0.80
N MET A 244 5.08 -32.72 0.57
CA MET A 244 3.74 -33.26 0.74
C MET A 244 2.81 -32.56 -0.23
N GLY A 245 3.27 -31.45 -0.79
CA GLY A 245 2.48 -30.72 -1.76
C GLY A 245 3.15 -29.41 -2.12
N HIS A 246 2.37 -28.54 -2.77
N HIS A 246 2.34 -28.52 -2.69
CA HIS A 246 2.87 -27.24 -3.18
CA HIS A 246 2.85 -27.26 -3.23
C HIS A 246 1.77 -26.19 -3.13
C HIS A 246 1.77 -26.19 -3.19
N LEU A 247 2.20 -24.95 -2.96
CA LEU A 247 1.33 -23.79 -3.08
C LEU A 247 1.81 -22.99 -4.28
N LYS A 248 0.89 -22.72 -5.21
CA LYS A 248 1.23 -22.09 -6.48
C LYS A 248 0.38 -20.85 -6.64
N TYR A 249 1.02 -19.71 -6.85
CA TYR A 249 0.34 -18.46 -7.12
C TYR A 249 0.55 -18.12 -8.59
N TYR A 250 -0.54 -17.75 -9.26
CA TYR A 250 -0.51 -17.36 -10.66
C TYR A 250 -1.00 -15.92 -10.73
N LEU A 251 -0.27 -15.07 -11.43
CA LEU A 251 -0.60 -13.66 -11.48
C LEU A 251 -0.59 -13.17 -12.92
N ALA A 252 -1.66 -12.46 -13.31
CA ALA A 252 -1.80 -11.93 -14.66
C ALA A 252 -0.94 -10.69 -14.83
N PRO A 253 -0.34 -10.51 -16.01
CA PRO A 253 0.55 -9.36 -16.22
C PRO A 253 -0.22 -8.07 -16.51
N LYS A 254 0.56 -7.00 -16.60
CA LYS A 254 0.07 -5.67 -16.95
C LYS A 254 0.33 -5.42 -18.43
N ILE A 255 -0.75 -5.14 -19.17
CA ILE A 255 -0.66 -4.89 -20.60
C ILE A 255 0.09 -6.03 -21.28
N MET B 1 -35.83 -16.76 -16.23
CA MET B 1 -35.33 -16.16 -17.47
C MET B 1 -35.26 -14.64 -17.33
N PHE B 2 -34.28 -14.02 -17.99
CA PHE B 2 -34.14 -12.57 -18.00
C PHE B 2 -34.29 -12.07 -19.43
N GLU B 3 -35.12 -11.03 -19.61
CA GLU B 3 -35.27 -10.43 -20.94
C GLU B 3 -35.63 -8.96 -20.80
N ALA B 4 -34.76 -8.10 -21.32
CA ALA B 4 -34.94 -6.65 -21.31
C ALA B 4 -34.86 -6.09 -22.72
N ARG B 5 -35.73 -5.13 -23.01
CA ARG B 5 -35.77 -4.38 -24.26
C ARG B 5 -35.49 -2.92 -23.95
N LEU B 6 -34.34 -2.42 -24.39
CA LEU B 6 -33.94 -1.02 -24.22
C LEU B 6 -34.02 -0.30 -25.56
N VAL B 7 -34.67 0.87 -25.55
CA VAL B 7 -34.79 1.70 -26.73
C VAL B 7 -33.67 2.73 -26.81
N GLN B 8 -33.31 3.33 -25.68
CA GLN B 8 -32.15 4.22 -25.60
C GLN B 8 -30.90 3.36 -25.45
N GLY B 9 -30.39 2.89 -26.59
CA GLY B 9 -29.23 2.01 -26.53
C GLY B 9 -27.96 2.76 -26.18
N SER B 10 -27.80 3.97 -26.73
CA SER B 10 -26.62 4.78 -26.42
C SER B 10 -26.35 4.81 -24.93
N ILE B 11 -27.41 5.00 -24.13
CA ILE B 11 -27.26 5.05 -22.68
C ILE B 11 -26.36 3.92 -22.20
N LEU B 12 -26.76 2.68 -22.47
CA LEU B 12 -25.99 1.55 -21.97
C LEU B 12 -24.55 1.62 -22.47
N LYS B 13 -24.38 1.92 -23.76
CA LYS B 13 -23.03 2.10 -24.30
C LYS B 13 -22.23 3.04 -23.40
N LYS B 14 -22.75 4.23 -23.16
CA LYS B 14 -22.06 5.19 -22.31
C LYS B 14 -21.63 4.55 -20.99
N VAL B 15 -22.57 3.84 -20.34
CA VAL B 15 -22.28 3.24 -19.05
C VAL B 15 -21.04 2.37 -19.14
N LEU B 16 -20.92 1.60 -20.22
CA LEU B 16 -19.79 0.66 -20.30
C LEU B 16 -18.47 1.41 -20.38
N GLU B 17 -18.43 2.54 -21.09
CA GLU B 17 -17.21 3.32 -21.12
C GLU B 17 -16.92 3.96 -19.77
N ALA B 18 -17.94 4.15 -18.93
CA ALA B 18 -17.70 4.62 -17.57
C ALA B 18 -17.16 3.51 -16.68
N LEU B 19 -17.29 2.25 -17.10
CA LEU B 19 -16.85 1.10 -16.34
C LEU B 19 -15.72 0.32 -16.99
N LYS B 20 -15.67 0.31 -18.33
CA LYS B 20 -14.74 -0.54 -19.06
C LYS B 20 -13.29 -0.32 -18.62
N ASP B 21 -12.88 0.93 -18.49
CA ASP B 21 -11.47 1.24 -18.21
C ASP B 21 -11.12 1.12 -16.73
N LEU B 22 -12.10 1.04 -15.84
CA LEU B 22 -11.83 0.95 -14.40
C LEU B 22 -11.89 -0.48 -13.87
N ILE B 23 -12.94 -1.22 -14.20
CA ILE B 23 -13.12 -2.59 -13.73
C ILE B 23 -13.21 -3.52 -14.93
N ASN B 24 -12.56 -4.68 -14.81
CA ASN B 24 -12.57 -5.65 -15.90
C ASN B 24 -13.85 -6.47 -15.89
N GLU B 25 -13.93 -7.45 -15.00
CA GLU B 25 -15.12 -8.26 -14.81
C GLU B 25 -16.02 -7.72 -13.72
N ALA B 26 -17.32 -7.95 -13.88
CA ALA B 26 -18.30 -7.47 -12.92
C ALA B 26 -19.43 -8.49 -12.83
N CYS B 27 -20.07 -8.52 -11.66
CA CYS B 27 -21.16 -9.44 -11.40
C CYS B 27 -22.47 -8.66 -11.39
N TRP B 28 -23.25 -8.83 -12.46
CA TRP B 28 -24.56 -8.20 -12.55
C TRP B 28 -25.58 -9.03 -11.79
N ASP B 29 -26.27 -8.41 -10.83
CA ASP B 29 -27.35 -9.04 -10.07
C ASP B 29 -28.65 -8.48 -10.63
N ILE B 30 -29.38 -9.31 -11.36
CA ILE B 30 -30.66 -8.94 -11.95
C ILE B 30 -31.77 -9.50 -11.09
N SER B 31 -32.73 -8.65 -10.74
CA SER B 31 -33.89 -9.04 -9.96
C SER B 31 -35.12 -8.32 -10.51
N SER B 32 -36.29 -8.69 -10.00
CA SER B 32 -37.53 -8.08 -10.47
C SER B 32 -37.49 -6.56 -10.37
N SER B 33 -36.64 -6.01 -9.50
CA SER B 33 -36.52 -4.56 -9.39
C SER B 33 -35.66 -3.99 -10.52
N GLY B 34 -34.53 -4.63 -10.80
CA GLY B 34 -33.68 -4.15 -11.89
C GLY B 34 -32.30 -4.79 -11.83
N VAL B 35 -31.33 -4.10 -12.42
CA VAL B 35 -29.95 -4.53 -12.46
C VAL B 35 -29.16 -3.78 -11.41
N ASN B 36 -28.25 -4.49 -10.73
CA ASN B 36 -27.38 -3.90 -9.73
C ASN B 36 -25.98 -4.48 -9.91
N LEU B 37 -25.00 -3.60 -10.02
CA LEU B 37 -23.61 -3.99 -10.17
C LEU B 37 -22.80 -3.32 -9.06
N GLN B 38 -21.90 -4.07 -8.45
CA GLN B 38 -21.12 -3.53 -7.34
C GLN B 38 -19.78 -4.26 -7.31
N SER B 39 -18.70 -3.54 -7.61
CA SER B 39 -17.40 -4.21 -7.67
C SER B 39 -16.29 -3.19 -7.44
N MET B 40 -15.13 -3.70 -7.04
CA MET B 40 -13.94 -2.90 -6.85
C MET B 40 -12.97 -3.10 -8.02
N ASP B 41 -11.97 -2.23 -8.09
CA ASP B 41 -10.93 -2.34 -9.10
C ASP B 41 -9.85 -3.30 -8.61
N SER B 42 -8.87 -3.56 -9.48
CA SER B 42 -7.82 -4.53 -9.16
C SER B 42 -7.02 -4.15 -7.92
N SER B 43 -7.01 -2.87 -7.54
CA SER B 43 -6.24 -2.41 -6.39
C SER B 43 -7.06 -2.23 -5.14
N HIS B 44 -8.38 -2.45 -5.21
CA HIS B 44 -9.25 -2.33 -4.04
C HIS B 44 -9.13 -0.95 -3.40
N VAL B 45 -9.04 0.08 -4.24
CA VAL B 45 -8.98 1.45 -3.76
C VAL B 45 -10.25 2.23 -4.07
N SER B 46 -11.02 1.81 -5.07
CA SER B 46 -12.28 2.44 -5.42
C SER B 46 -13.34 1.36 -5.53
N LEU B 47 -14.58 1.80 -5.71
CA LEU B 47 -15.71 0.89 -5.78
C LEU B 47 -16.81 1.49 -6.63
N VAL B 48 -17.29 0.73 -7.61
CA VAL B 48 -18.36 1.18 -8.50
C VAL B 48 -19.64 0.46 -8.10
N GLN B 49 -20.74 1.22 -8.04
CA GLN B 49 -22.06 0.71 -7.72
C GLN B 49 -23.04 1.31 -8.73
N LEU B 50 -23.50 0.49 -9.66
CA LEU B 50 -24.46 0.87 -10.68
C LEU B 50 -25.83 0.31 -10.32
N THR B 51 -26.86 1.13 -10.48
CA THR B 51 -28.23 0.73 -10.25
C THR B 51 -29.06 1.16 -11.45
N LEU B 52 -29.68 0.19 -12.12
CA LEU B 52 -30.58 0.45 -13.24
C LEU B 52 -31.94 -0.13 -12.90
N ARG B 53 -32.97 0.71 -12.93
CA ARG B 53 -34.28 0.32 -12.45
C ARG B 53 -35.12 -0.31 -13.56
N SER B 54 -35.88 -1.34 -13.20
CA SER B 54 -36.72 -2.04 -14.18
C SER B 54 -37.66 -1.10 -14.92
N GLU B 55 -38.05 0.00 -14.28
CA GLU B 55 -38.94 0.98 -14.89
C GLU B 55 -38.26 1.85 -15.94
N GLY B 56 -36.96 1.67 -16.17
CA GLY B 56 -36.26 2.46 -17.15
C GLY B 56 -36.12 1.78 -18.50
N PHE B 57 -36.44 0.48 -18.54
CA PHE B 57 -36.36 -0.29 -19.77
C PHE B 57 -37.68 -0.25 -20.52
N ASP B 58 -37.61 -0.50 -21.83
CA ASP B 58 -38.82 -0.62 -22.62
C ASP B 58 -39.57 -1.91 -22.28
N THR B 59 -38.84 -2.96 -21.91
CA THR B 59 -39.45 -4.24 -21.52
C THR B 59 -38.55 -4.90 -20.48
N TYR B 60 -39.10 -5.27 -19.34
CA TYR B 60 -38.30 -5.92 -18.31
C TYR B 60 -38.98 -7.18 -17.83
N ARG B 61 -38.23 -8.29 -17.80
CA ARG B 61 -38.71 -9.54 -17.21
C ARG B 61 -37.57 -10.20 -16.47
N CYS B 62 -37.76 -10.39 -15.17
CA CYS B 62 -36.84 -11.14 -14.31
C CYS B 62 -37.66 -11.97 -13.33
N ASP B 63 -37.26 -13.23 -13.14
CA ASP B 63 -37.98 -14.13 -12.24
C ASP B 63 -37.20 -14.35 -10.95
N ARG B 64 -36.10 -15.09 -11.00
CA ARG B 64 -35.25 -15.33 -9.84
C ARG B 64 -34.02 -14.45 -9.89
N ASN B 65 -33.50 -14.09 -8.72
CA ASN B 65 -32.28 -13.29 -8.67
C ASN B 65 -31.18 -14.01 -9.43
N LEU B 66 -30.73 -13.39 -10.51
CA LEU B 66 -29.72 -13.96 -11.39
C LEU B 66 -28.40 -13.22 -11.18
N ALA B 67 -27.30 -13.95 -11.20
CA ALA B 67 -25.98 -13.36 -10.93
C ALA B 67 -25.03 -13.75 -12.08
N MET B 68 -24.98 -12.89 -13.09
CA MET B 68 -24.19 -13.16 -14.29
C MET B 68 -22.87 -12.40 -14.22
N GLY B 69 -21.76 -13.13 -14.27
CA GLY B 69 -20.44 -12.52 -14.33
C GLY B 69 -19.95 -12.25 -15.73
N VAL B 70 -19.82 -10.97 -16.10
CA VAL B 70 -19.50 -10.58 -17.46
C VAL B 70 -18.26 -9.70 -17.46
N ASN B 71 -17.48 -9.82 -18.52
CA ASN B 71 -16.33 -8.95 -18.76
C ASN B 71 -16.81 -7.70 -19.50
N LEU B 72 -16.62 -6.54 -18.88
CA LEU B 72 -17.21 -5.31 -19.41
C LEU B 72 -16.54 -4.84 -20.71
N THR B 73 -15.28 -5.23 -20.95
CA THR B 73 -14.63 -4.86 -22.20
C THR B 73 -15.30 -5.57 -23.39
N SER B 74 -15.51 -6.88 -23.26
CA SER B 74 -16.20 -7.61 -24.32
C SER B 74 -17.60 -7.07 -24.53
N MET B 75 -18.31 -6.76 -23.45
CA MET B 75 -19.66 -6.21 -23.58
C MET B 75 -19.62 -4.85 -24.25
N SER B 76 -18.59 -4.04 -23.97
CA SER B 76 -18.47 -2.74 -24.61
C SER B 76 -18.23 -2.89 -26.10
N LYS B 77 -17.36 -3.81 -26.49
CA LYS B 77 -17.19 -4.12 -27.91
C LYS B 77 -18.52 -4.50 -28.56
N ILE B 78 -19.18 -5.52 -28.00
CA ILE B 78 -20.39 -6.05 -28.59
C ILE B 78 -21.49 -4.99 -28.65
N LEU B 79 -21.48 -4.05 -27.69
CA LEU B 79 -22.50 -3.01 -27.69
C LEU B 79 -22.15 -1.88 -28.63
N LYS B 80 -20.86 -1.61 -28.82
CA LYS B 80 -20.42 -0.68 -29.86
C LYS B 80 -20.73 -1.22 -31.24
N CYS B 81 -20.97 -2.53 -31.35
CA CYS B 81 -21.42 -3.12 -32.61
C CYS B 81 -22.90 -2.83 -32.89
N ALA B 82 -23.51 -1.90 -32.17
CA ALA B 82 -24.93 -1.59 -32.29
C ALA B 82 -25.13 -0.27 -33.04
N GLY B 83 -26.29 -0.17 -33.71
CA GLY B 83 -26.63 1.05 -34.42
C GLY B 83 -27.26 2.08 -33.50
N ASN B 84 -27.07 3.35 -33.86
CA ASN B 84 -27.59 4.44 -33.03
C ASN B 84 -29.10 4.40 -32.89
N GLU B 85 -29.80 3.89 -33.90
CA GLU B 85 -31.25 3.78 -33.87
C GLU B 85 -31.75 2.37 -33.60
N ASP B 86 -30.84 1.41 -33.42
CA ASP B 86 -31.25 0.03 -33.21
C ASP B 86 -31.92 -0.16 -31.86
N ILE B 87 -32.94 -1.01 -31.83
CA ILE B 87 -33.61 -1.41 -30.59
C ILE B 87 -32.82 -2.58 -30.01
N ILE B 88 -32.35 -2.44 -28.77
CA ILE B 88 -31.49 -3.45 -28.16
C ILE B 88 -32.33 -4.37 -27.29
N THR B 89 -32.01 -5.67 -27.32
CA THR B 89 -32.70 -6.65 -26.49
C THR B 89 -31.68 -7.59 -25.87
N LEU B 90 -31.63 -7.61 -24.54
CA LEU B 90 -30.78 -8.52 -23.80
C LEU B 90 -31.62 -9.68 -23.28
N ARG B 91 -31.02 -10.88 -23.29
CA ARG B 91 -31.73 -12.07 -22.84
C ARG B 91 -30.74 -13.03 -22.20
N ALA B 92 -31.25 -13.82 -21.26
CA ALA B 92 -30.43 -14.85 -20.62
C ALA B 92 -31.35 -15.94 -20.07
N GLU B 93 -30.79 -17.14 -19.98
CA GLU B 93 -31.48 -18.31 -19.47
C GLU B 93 -31.21 -18.48 -17.97
N ASP B 94 -32.05 -19.27 -17.32
CA ASP B 94 -31.92 -19.46 -15.88
C ASP B 94 -30.57 -20.11 -15.53
N ASN B 95 -30.25 -21.23 -16.19
CA ASN B 95 -28.97 -21.89 -15.99
C ASN B 95 -28.09 -21.74 -17.23
N ALA B 96 -27.76 -20.52 -17.59
CA ALA B 96 -27.06 -20.24 -18.83
C ALA B 96 -25.62 -19.81 -18.56
N ASP B 97 -24.78 -20.00 -19.58
CA ASP B 97 -23.39 -19.54 -19.56
C ASP B 97 -23.15 -18.55 -20.70
N THR B 98 -24.22 -17.89 -21.13
CA THR B 98 -24.15 -16.95 -22.25
C THR B 98 -25.29 -15.96 -22.11
N LEU B 99 -25.01 -14.70 -22.43
CA LEU B 99 -26.00 -13.65 -22.50
C LEU B 99 -26.15 -13.24 -23.96
N ALA B 100 -27.39 -13.11 -24.42
CA ALA B 100 -27.66 -12.80 -25.82
C ALA B 100 -28.02 -11.34 -25.96
N LEU B 101 -27.32 -10.66 -26.88
CA LEU B 101 -27.61 -9.29 -27.24
C LEU B 101 -28.13 -9.29 -28.67
N VAL B 102 -29.31 -8.73 -28.87
CA VAL B 102 -29.97 -8.72 -30.17
C VAL B 102 -30.18 -7.25 -30.54
N PHE B 103 -29.45 -6.80 -31.54
CA PHE B 103 -29.61 -5.45 -32.07
C PHE B 103 -30.58 -5.54 -33.23
N GLU B 104 -31.75 -4.93 -33.08
CA GLU B 104 -32.81 -4.96 -34.06
C GLU B 104 -32.93 -3.60 -34.70
N ALA B 105 -32.73 -3.53 -36.02
CA ALA B 105 -32.91 -2.26 -36.70
C ALA B 105 -34.38 -2.02 -37.03
N PRO B 106 -34.78 -0.76 -37.14
CA PRO B 106 -36.17 -0.47 -37.52
C PRO B 106 -36.44 -0.93 -38.95
N ASN B 107 -37.67 -1.38 -39.18
CA ASN B 107 -38.08 -1.87 -40.50
C ASN B 107 -37.58 -3.29 -40.73
N GLN B 108 -36.51 -3.68 -40.03
CA GLN B 108 -36.05 -5.07 -39.99
C GLN B 108 -35.20 -5.45 -41.20
N GLU B 109 -34.40 -4.52 -41.72
CA GLU B 109 -33.49 -4.88 -42.80
C GLU B 109 -32.27 -5.61 -42.28
N LYS B 110 -31.82 -5.27 -41.07
CA LYS B 110 -30.66 -5.89 -40.44
C LYS B 110 -31.00 -6.30 -39.01
N VAL B 111 -30.41 -7.40 -38.57
CA VAL B 111 -30.63 -7.93 -37.24
C VAL B 111 -29.36 -8.65 -36.80
N SER B 112 -28.71 -8.13 -35.76
CA SER B 112 -27.48 -8.68 -35.24
C SER B 112 -27.75 -9.45 -33.96
N ASP B 113 -27.10 -10.61 -33.83
CA ASP B 113 -27.30 -11.50 -32.68
C ASP B 113 -25.94 -11.93 -32.16
N TYR B 114 -25.54 -11.39 -31.02
CA TYR B 114 -24.27 -11.72 -30.39
C TYR B 114 -24.56 -12.55 -29.15
N GLU B 115 -23.69 -13.51 -28.88
CA GLU B 115 -23.82 -14.38 -27.72
C GLU B 115 -22.52 -14.31 -26.93
N MET B 116 -22.57 -13.63 -25.78
CA MET B 116 -21.39 -13.35 -24.98
C MET B 116 -21.25 -14.37 -23.87
N LYS B 117 -20.06 -14.95 -23.73
CA LYS B 117 -19.82 -15.95 -22.71
C LYS B 117 -19.81 -15.32 -21.32
N LEU B 118 -20.46 -15.97 -20.38
CA LEU B 118 -20.48 -15.56 -18.98
C LEU B 118 -19.45 -16.37 -18.20
N MET B 119 -19.31 -16.02 -16.91
CA MET B 119 -18.35 -16.69 -16.05
C MET B 119 -18.83 -16.64 -14.62
N ASP B 120 -18.22 -17.46 -13.77
CA ASP B 120 -18.59 -17.52 -12.36
C ASP B 120 -17.59 -16.71 -11.55
N LEU B 121 -18.10 -15.92 -10.61
CA LEU B 121 -17.26 -14.98 -9.87
N VAL B 123 -16.68 -13.00 -6.74
CA VAL B 123 -17.44 -11.76 -6.58
C VAL B 123 -17.52 -11.37 -5.11
N GLU B 124 -17.19 -10.11 -4.81
CA GLU B 124 -17.13 -9.62 -3.44
C GLU B 124 -17.86 -8.27 -3.37
N GLN B 125 -18.84 -8.18 -2.47
CA GLN B 125 -19.78 -7.07 -2.38
C GLN B 125 -19.79 -6.51 -0.97
N LEU B 126 -19.28 -5.29 -0.82
CA LEU B 126 -19.16 -4.64 0.48
C LEU B 126 -20.46 -3.96 0.86
N GLY B 127 -20.63 -3.72 2.16
CA GLY B 127 -21.86 -3.18 2.69
C GLY B 127 -21.72 -1.72 3.09
N ILE B 128 -22.29 -0.83 2.28
CA ILE B 128 -22.24 0.61 2.54
C ILE B 128 -23.50 1.05 3.25
N PRO B 129 -23.47 1.30 4.56
CA PRO B 129 -24.68 1.77 5.24
C PRO B 129 -24.97 3.22 4.85
N GLU B 130 -26.26 3.53 4.72
CA GLU B 130 -26.66 4.89 4.41
C GLU B 130 -26.16 5.84 5.49
N GLN B 131 -25.44 6.87 5.07
CA GLN B 131 -24.79 7.80 5.98
C GLN B 131 -25.24 9.22 5.74
N GLU B 132 -24.93 10.08 6.70
CA GLU B 132 -25.05 11.52 6.55
C GLU B 132 -23.64 12.09 6.41
N TYR B 133 -23.41 12.86 5.35
CA TYR B 133 -22.07 13.31 5.02
C TYR B 133 -21.87 14.75 5.44
N SER B 134 -20.63 15.07 5.81
CA SER B 134 -20.30 16.42 6.23
C SER B 134 -20.59 17.43 5.12
N CYS B 135 -19.95 17.27 3.97
CA CYS B 135 -20.09 18.19 2.85
C CYS B 135 -20.69 17.45 1.65
N VAL B 136 -21.61 18.13 0.96
CA VAL B 136 -22.26 17.58 -0.23
C VAL B 136 -22.31 18.69 -1.27
N VAL B 137 -21.53 18.54 -2.34
CA VAL B 137 -21.41 19.54 -3.39
C VAL B 137 -22.02 18.98 -4.68
N LYS B 138 -23.02 19.68 -5.21
CA LYS B 138 -23.64 19.33 -6.48
C LYS B 138 -23.19 20.36 -7.52
N MET B 139 -22.39 19.92 -8.50
CA MET B 139 -21.82 20.84 -9.47
C MET B 139 -21.93 20.27 -10.88
N PRO B 140 -21.58 21.04 -11.92
CA PRO B 140 -21.58 20.50 -13.28
C PRO B 140 -20.57 19.37 -13.44
N SER B 141 -20.95 18.36 -14.22
CA SER B 141 -20.05 17.26 -14.51
C SER B 141 -18.82 17.73 -15.28
N GLY B 142 -19.04 18.56 -16.31
CA GLY B 142 -17.94 18.96 -17.17
C GLY B 142 -16.88 19.76 -16.42
N GLU B 143 -17.30 20.65 -15.53
CA GLU B 143 -16.34 21.43 -14.77
C GLU B 143 -15.52 20.53 -13.87
N PHE B 144 -16.15 19.52 -13.26
CA PHE B 144 -15.41 18.59 -12.41
C PHE B 144 -14.39 17.79 -13.22
N ALA B 145 -14.79 17.30 -14.40
CA ALA B 145 -13.85 16.55 -15.22
C ALA B 145 -12.68 17.42 -15.67
N ARG B 146 -12.99 18.65 -16.11
CA ARG B 146 -11.95 19.61 -16.45
C ARG B 146 -10.97 19.79 -15.29
N ILE B 147 -11.51 20.14 -14.12
CA ILE B 147 -10.68 20.38 -12.95
C ILE B 147 -9.81 19.16 -12.66
N CYS B 148 -10.38 17.97 -12.77
CA CYS B 148 -9.64 16.76 -12.45
C CYS B 148 -8.47 16.57 -13.40
N ARG B 149 -8.71 16.66 -14.71
CA ARG B 149 -7.61 16.49 -15.65
C ARG B 149 -6.54 17.57 -15.44
N ASP B 150 -6.97 18.84 -15.41
CA ASP B 150 -6.04 19.94 -15.18
C ASP B 150 -5.16 19.68 -13.96
N LEU B 151 -5.78 19.58 -12.78
CA LEU B 151 -5.01 19.32 -11.57
C LEU B 151 -4.25 18.00 -11.66
N SER B 152 -4.61 17.12 -12.60
CA SER B 152 -3.80 15.93 -12.85
C SER B 152 -2.52 16.29 -13.58
N HIS B 153 -2.52 17.42 -14.30
CA HIS B 153 -1.29 17.86 -14.94
C HIS B 153 -0.26 18.38 -13.93
N ILE B 154 -0.71 18.79 -12.75
CA ILE B 154 0.18 19.35 -11.74
C ILE B 154 0.77 18.23 -10.90
N GLY B 155 -0.08 17.57 -10.10
CA GLY B 155 0.34 16.45 -9.28
C GLY B 155 -0.68 15.33 -9.37
N ASP B 156 -0.41 14.25 -8.64
CA ASP B 156 -1.35 13.13 -8.70
C ASP B 156 -2.38 13.13 -7.58
N ALA B 157 -2.15 13.86 -6.50
CA ALA B 157 -3.07 13.87 -5.39
C ALA B 157 -3.76 15.23 -5.32
N VAL B 158 -5.01 15.21 -4.88
CA VAL B 158 -5.83 16.42 -4.82
C VAL B 158 -6.34 16.58 -3.39
N VAL B 159 -6.22 17.80 -2.88
CA VAL B 159 -6.73 18.16 -1.57
C VAL B 159 -8.03 18.93 -1.83
N ILE B 160 -9.16 18.26 -1.59
CA ILE B 160 -10.48 18.88 -1.68
C ILE B 160 -10.83 19.45 -0.32
N SER B 161 -11.13 20.74 -0.27
CA SER B 161 -11.51 21.42 0.97
C SER B 161 -12.84 22.13 0.72
N CYS B 162 -13.88 21.68 1.41
CA CYS B 162 -15.23 22.20 1.26
C CYS B 162 -15.63 23.01 2.50
N ALA B 163 -16.32 24.12 2.24
CA ALA B 163 -16.85 24.97 3.30
C ALA B 163 -18.12 25.63 2.75
N LYS B 164 -18.79 26.41 3.62
CA LYS B 164 -20.15 26.82 3.29
C LYS B 164 -20.19 27.75 2.08
N ASP B 165 -19.13 28.54 1.88
CA ASP B 165 -19.09 29.41 0.71
C ASP B 165 -18.71 28.64 -0.55
N GLY B 166 -17.82 27.66 -0.45
CA GLY B 166 -17.42 26.97 -1.67
C GLY B 166 -16.38 25.89 -1.42
N VAL B 167 -15.97 25.27 -2.53
CA VAL B 167 -15.00 24.18 -2.52
C VAL B 167 -13.71 24.64 -3.19
N LYS B 168 -12.60 24.04 -2.75
CA LYS B 168 -11.29 24.37 -3.29
C LYS B 168 -10.50 23.09 -3.51
N PHE B 169 -9.92 22.95 -4.70
CA PHE B 169 -9.14 21.78 -5.08
C PHE B 169 -7.69 22.22 -5.22
N SER B 170 -6.78 21.48 -4.57
CA SER B 170 -5.39 21.90 -4.49
C SER B 170 -4.47 20.76 -4.86
N ALA B 171 -3.43 21.08 -5.64
CA ALA B 171 -2.43 20.10 -6.05
C ALA B 171 -1.04 20.71 -5.94
N SER B 172 -0.04 19.85 -5.84
CA SER B 172 1.35 20.29 -5.70
C SER B 172 2.25 19.27 -6.37
N GLY B 173 3.14 19.74 -7.25
CA GLY B 173 4.07 18.86 -7.94
C GLY B 173 5.39 19.52 -8.25
N GLU B 174 6.24 18.77 -8.95
CA GLU B 174 7.61 19.17 -9.25
C GLU B 174 7.71 20.38 -10.15
N LEU B 175 6.57 20.97 -10.52
CA LEU B 175 6.57 22.18 -11.33
C LEU B 175 5.75 23.31 -10.68
N GLY B 176 5.29 23.13 -9.45
CA GLY B 176 4.58 24.19 -8.77
C GLY B 176 3.39 23.74 -7.95
N ASN B 177 2.38 24.62 -7.84
CA ASN B 177 1.21 24.35 -7.03
C ASN B 177 0.00 24.96 -7.71
N GLY B 178 -1.15 24.32 -7.52
CA GLY B 178 -2.40 24.82 -8.08
C GLY B 178 -3.51 24.82 -7.06
N ASN B 179 -4.40 25.81 -7.20
CA ASN B 179 -5.52 25.99 -6.27
C ASN B 179 -6.68 26.54 -7.09
N ILE B 180 -7.60 25.65 -7.47
CA ILE B 180 -8.83 26.05 -8.16
C ILE B 180 -9.92 26.19 -7.12
N LYS B 181 -10.75 27.22 -7.24
CA LYS B 181 -11.76 27.51 -6.23
C LYS B 181 -13.11 27.72 -6.92
N LEU B 182 -14.08 26.89 -6.56
CA LEU B 182 -15.43 26.99 -7.10
C LEU B 182 -16.35 27.52 -6.01
N SER B 183 -17.06 28.60 -6.33
CA SER B 183 -17.92 29.28 -5.37
C SER B 183 -19.37 28.89 -5.61
N GLN B 184 -20.17 28.95 -4.54
CA GLN B 184 -21.57 28.59 -4.65
C GLN B 184 -22.28 29.63 -5.50
N THR B 185 -22.78 29.20 -6.66
CA THR B 185 -23.41 30.12 -7.59
C THR B 185 -24.79 30.54 -7.11
N SER B 186 -25.07 31.84 -7.16
CA SER B 186 -26.40 32.36 -6.91
C SER B 186 -26.99 32.86 -8.22
N ASN B 187 -28.32 32.91 -8.27
CA ASN B 187 -29.05 33.40 -9.44
C ASN B 187 -28.68 32.60 -10.69
N VAL B 188 -28.31 31.34 -10.53
CA VAL B 188 -28.10 30.47 -11.68
C VAL B 188 -29.44 30.13 -12.31
N ASP B 189 -29.57 30.35 -13.62
CA ASP B 189 -30.83 30.12 -14.30
C ASP B 189 -31.14 28.64 -14.40
N LYS B 190 -30.38 27.92 -15.22
CA LYS B 190 -30.53 26.48 -15.31
C LYS B 190 -29.91 25.83 -14.08
N GLU B 191 -30.66 24.95 -13.43
CA GLU B 191 -30.12 24.30 -12.24
C GLU B 191 -29.15 23.18 -12.58
N GLU B 192 -28.88 22.94 -13.87
CA GLU B 192 -27.85 22.02 -14.30
C GLU B 192 -26.46 22.63 -14.19
N GLU B 193 -26.34 23.95 -14.07
CA GLU B 193 -25.07 24.66 -14.08
C GLU B 193 -24.97 25.56 -12.87
N ALA B 194 -25.16 24.99 -11.68
CA ALA B 194 -24.93 25.68 -10.42
C ALA B 194 -23.95 24.86 -9.58
N VAL B 195 -23.40 25.52 -8.57
CA VAL B 195 -22.54 24.86 -7.58
C VAL B 195 -23.24 25.01 -6.24
N THR B 196 -23.96 23.98 -5.82
CA THR B 196 -24.69 24.00 -4.56
C THR B 196 -23.92 23.22 -3.50
N ILE B 197 -23.79 23.81 -2.31
CA ILE B 197 -23.09 23.17 -1.20
C ILE B 197 -24.07 22.98 -0.05
N GLU B 198 -24.02 21.80 0.56
CA GLU B 198 -24.73 21.50 1.79
C GLU B 198 -23.68 21.06 2.82
N MET B 199 -23.44 21.92 3.81
CA MET B 199 -22.38 21.68 4.78
C MET B 199 -22.96 21.38 6.15
N ASN B 200 -22.30 20.48 6.85
CA ASN B 200 -22.53 20.21 8.26
C ASN B 200 -21.31 20.52 9.12
N GLU B 201 -20.12 20.36 8.56
CA GLU B 201 -18.84 20.62 9.20
C GLU B 201 -17.78 20.70 8.10
N PRO B 202 -16.95 21.74 8.10
CA PRO B 202 -15.96 21.89 7.02
C PRO B 202 -15.14 20.63 6.82
N VAL B 203 -14.76 20.36 5.56
CA VAL B 203 -14.07 19.12 5.25
C VAL B 203 -12.81 19.40 4.44
N GLN B 204 -11.79 18.56 4.65
CA GLN B 204 -10.54 18.66 3.89
C GLN B 204 -9.95 17.25 3.75
N LEU B 205 -10.14 16.65 2.58
CA LEU B 205 -9.71 15.28 2.33
C LEU B 205 -8.73 15.23 1.16
N THR B 206 -7.91 14.19 1.15
CA THR B 206 -6.91 13.97 0.11
C THR B 206 -7.26 12.72 -0.69
N PHE B 207 -7.31 12.85 -2.01
CA PHE B 207 -7.71 11.76 -2.89
C PHE B 207 -6.73 11.60 -4.03
N ALA B 208 -6.66 10.38 -4.56
CA ALA B 208 -5.83 10.10 -5.73
C ALA B 208 -6.53 10.60 -6.99
N LEU B 209 -5.76 11.21 -7.88
CA LEU B 209 -6.34 11.80 -9.09
C LEU B 209 -6.54 10.79 -10.21
N ARG B 210 -5.73 9.72 -10.23
CA ARG B 210 -5.93 8.68 -11.24
C ARG B 210 -7.34 8.13 -11.19
N TYR B 211 -7.83 7.82 -9.98
CA TYR B 211 -9.16 7.25 -9.86
C TYR B 211 -10.24 8.30 -10.10
N LEU B 212 -9.97 9.57 -9.79
CA LEU B 212 -10.92 10.62 -10.13
C LEU B 212 -11.09 10.75 -11.64
N ASN B 213 -9.98 10.65 -12.38
CA ASN B 213 -10.09 10.71 -13.84
C ASN B 213 -10.70 9.43 -14.39
N PHE B 214 -10.52 8.30 -13.70
CA PHE B 214 -11.30 7.11 -14.03
C PHE B 214 -12.79 7.36 -13.86
N PHE B 215 -13.17 8.06 -12.79
CA PHE B 215 -14.58 8.32 -12.53
C PHE B 215 -15.17 9.27 -13.56
N THR B 216 -14.39 10.25 -13.99
CA THR B 216 -14.92 11.29 -14.87
C THR B 216 -15.30 10.77 -16.25
N LYS B 217 -15.10 9.48 -16.53
CA LYS B 217 -15.51 8.92 -17.81
C LYS B 217 -17.02 8.82 -17.93
N ALA B 218 -17.75 8.85 -16.82
CA ALA B 218 -19.20 8.84 -16.84
C ALA B 218 -19.80 10.22 -17.05
N THR B 219 -18.98 11.22 -17.38
CA THR B 219 -19.49 12.57 -17.55
C THR B 219 -20.55 12.66 -18.64
N PRO B 220 -20.43 11.99 -19.78
CA PRO B 220 -21.50 12.06 -20.79
C PRO B 220 -22.84 11.56 -20.28
N LEU B 221 -22.85 10.84 -19.16
CA LEU B 221 -24.10 10.26 -18.65
C LEU B 221 -24.97 11.32 -18.00
N SER B 222 -24.36 12.25 -17.27
CA SER B 222 -25.09 13.29 -16.56
C SER B 222 -24.36 14.62 -16.72
N SER B 223 -25.14 15.71 -16.77
CA SER B 223 -24.57 17.04 -16.77
C SER B 223 -24.23 17.55 -15.37
N THR B 224 -24.60 16.81 -14.33
CA THR B 224 -24.30 17.18 -12.96
C THR B 224 -23.68 15.99 -12.23
N VAL B 225 -22.86 16.31 -11.24
CA VAL B 225 -22.24 15.31 -10.37
C VAL B 225 -22.36 15.78 -8.93
N THR B 226 -22.56 14.83 -8.01
CA THR B 226 -22.67 15.13 -6.59
C THR B 226 -21.51 14.46 -5.86
N LEU B 227 -20.65 15.27 -5.27
CA LEU B 227 -19.57 14.79 -4.41
C LEU B 227 -20.05 14.82 -2.97
N SER B 228 -19.80 13.73 -2.25
CA SER B 228 -20.20 13.63 -0.84
C SER B 228 -18.99 13.17 -0.06
N MET B 229 -18.57 13.99 0.91
CA MET B 229 -17.33 13.74 1.63
C MET B 229 -17.51 14.03 3.10
N SER B 230 -16.85 13.24 3.93
CA SER B 230 -16.80 13.47 5.37
C SER B 230 -15.46 12.94 5.86
N ALA B 231 -14.91 13.59 6.87
CA ALA B 231 -13.56 13.29 7.32
C ALA B 231 -13.43 11.81 7.65
N ASP B 232 -12.32 11.21 7.21
CA ASP B 232 -11.95 9.82 7.45
C ASP B 232 -12.86 8.82 6.73
N VAL B 233 -13.82 9.29 5.92
CA VAL B 233 -14.72 8.40 5.21
C VAL B 233 -14.53 8.59 3.70
N PRO B 234 -14.70 7.56 2.89
CA PRO B 234 -14.41 7.69 1.46
C PRO B 234 -15.29 8.74 0.80
N LEU B 235 -14.84 9.19 -0.37
CA LEU B 235 -15.57 10.15 -1.18
C LEU B 235 -16.55 9.42 -2.10
N VAL B 236 -17.74 9.99 -2.22
CA VAL B 236 -18.80 9.43 -3.06
C VAL B 236 -19.03 10.40 -4.21
N VAL B 237 -18.63 10.00 -5.41
CA VAL B 237 -18.95 10.74 -6.63
C VAL B 237 -20.17 10.07 -7.24
N GLU B 238 -21.28 10.80 -7.36
CA GLU B 238 -22.53 10.22 -7.82
C GLU B 238 -22.95 10.91 -9.10
N TYR B 239 -23.09 10.13 -10.16
CA TYR B 239 -23.71 10.57 -11.39
C TYR B 239 -25.11 9.96 -11.46
N LYS B 240 -26.08 10.77 -11.81
CA LYS B 240 -27.45 10.31 -11.97
C LYS B 240 -27.67 9.94 -13.44
N ILE B 241 -28.12 8.71 -13.69
CA ILE B 241 -28.48 8.33 -15.05
C ILE B 241 -29.89 8.83 -15.30
N ALA B 242 -30.14 9.29 -16.53
CA ALA B 242 -31.40 9.97 -16.82
C ALA B 242 -32.61 9.13 -16.43
N ASP B 243 -33.25 9.45 -15.30
CA ASP B 243 -34.50 8.81 -14.88
C ASP B 243 -34.49 7.29 -15.13
N MET B 244 -33.36 6.64 -14.82
CA MET B 244 -33.19 5.22 -15.11
C MET B 244 -32.32 4.55 -14.06
N GLY B 245 -31.48 5.31 -13.38
CA GLY B 245 -30.64 4.73 -12.33
C GLY B 245 -29.59 5.71 -11.85
N HIS B 246 -28.54 5.15 -11.27
CA HIS B 246 -27.48 5.95 -10.68
C HIS B 246 -26.15 5.18 -10.71
N LEU B 247 -25.07 5.92 -10.94
CA LEU B 247 -23.72 5.39 -10.92
C LEU B 247 -22.98 6.03 -9.75
N LYS B 248 -22.37 5.20 -8.91
CA LYS B 248 -21.74 5.63 -7.67
C LYS B 248 -20.29 5.20 -7.68
N TYR B 249 -19.38 6.15 -7.53
CA TYR B 249 -17.96 5.88 -7.40
C TYR B 249 -17.56 6.18 -5.97
N TYR B 250 -16.81 5.26 -5.37
CA TYR B 250 -16.34 5.40 -4.00
C TYR B 250 -14.83 5.37 -4.03
N LEU B 251 -14.21 6.35 -3.36
CA LEU B 251 -12.77 6.52 -3.39
C LEU B 251 -12.23 6.64 -1.98
N ALA B 252 -11.24 5.85 -1.66
CA ALA B 252 -10.63 5.91 -0.34
C ALA B 252 -9.68 7.11 -0.27
N PRO B 253 -9.58 7.77 0.87
CA PRO B 253 -8.68 8.92 0.97
C PRO B 253 -7.23 8.47 1.08
N LYS B 254 -6.34 9.45 1.03
CA LYS B 254 -4.91 9.21 1.13
C LYS B 254 -4.42 9.47 2.54
N ILE B 255 -3.76 8.47 3.13
CA ILE B 255 -3.22 8.56 4.47
C ILE B 255 -4.29 9.05 5.45
N MET C 1 29.84 16.60 -11.46
CA MET C 1 28.90 15.67 -10.86
C MET C 1 29.26 15.40 -9.40
N PHE C 2 28.26 15.01 -8.62
CA PHE C 2 28.43 14.66 -7.21
C PHE C 2 28.28 13.17 -7.04
N GLU C 3 29.25 12.55 -6.39
CA GLU C 3 29.21 11.12 -6.11
C GLU C 3 30.01 10.82 -4.85
N ALA C 4 29.33 10.26 -3.86
CA ALA C 4 29.93 9.87 -2.59
C ALA C 4 29.72 8.39 -2.32
N ARG C 5 30.75 7.73 -1.81
CA ARG C 5 30.72 6.33 -1.40
C ARG C 5 30.95 6.26 0.10
N LEU C 6 29.91 5.85 0.83
CA LEU C 6 29.95 5.66 2.28
C LEU C 6 29.94 4.17 2.59
N VAL C 7 30.85 3.74 3.47
CA VAL C 7 30.90 2.35 3.89
C VAL C 7 30.06 2.12 5.14
N GLN C 8 30.09 3.07 6.08
CA GLN C 8 29.21 3.04 7.25
C GLN C 8 27.85 3.57 6.84
N GLY C 9 27.01 2.66 6.33
CA GLY C 9 25.70 3.06 5.85
C GLY C 9 24.75 3.43 6.98
N SER C 10 24.87 2.75 8.12
CA SER C 10 24.02 3.00 9.28
C SER C 10 23.89 4.49 9.57
N ILE C 11 25.01 5.23 9.50
CA ILE C 11 25.01 6.66 9.79
C ILE C 11 23.86 7.36 9.08
N LEU C 12 23.81 7.25 7.75
CA LEU C 12 22.80 7.96 6.97
C LEU C 12 21.38 7.55 7.38
N LYS C 13 21.14 6.24 7.51
CA LYS C 13 19.85 5.76 8.00
C LYS C 13 19.44 6.44 9.30
N LYS C 14 20.33 6.37 10.30
CA LYS C 14 20.07 7.02 11.58
C LYS C 14 19.73 8.49 11.38
N VAL C 15 20.52 9.19 10.56
CA VAL C 15 20.27 10.62 10.33
C VAL C 15 18.85 10.82 9.82
N LEU C 16 18.44 10.00 8.85
CA LEU C 16 17.12 10.18 8.25
C LEU C 16 16.02 9.89 9.26
N GLU C 17 16.22 8.89 10.11
CA GLU C 17 15.23 8.63 11.16
C GLU C 17 15.22 9.74 12.21
N ALA C 18 16.36 10.43 12.37
CA ALA C 18 16.44 11.56 13.29
C ALA C 18 15.86 12.84 12.71
N LEU C 19 15.67 12.91 11.39
CA LEU C 19 15.18 14.14 10.76
C LEU C 19 13.80 14.01 10.14
N LYS C 20 13.42 12.84 9.63
CA LYS C 20 12.18 12.72 8.88
C LYS C 20 10.98 13.19 9.70
N ASP C 21 10.93 12.83 10.98
CA ASP C 21 9.75 13.13 11.80
C ASP C 21 9.71 14.58 12.26
N LEU C 22 10.78 15.33 12.10
CA LEU C 22 10.83 16.74 12.48
C LEU C 22 10.61 17.67 11.29
N ILE C 23 11.28 17.41 10.16
CA ILE C 23 11.19 18.24 8.97
C ILE C 23 10.68 17.38 7.82
N ASN C 24 9.78 17.95 7.02
CA ASN C 24 9.22 17.26 5.87
C ASN C 24 10.17 17.38 4.68
N GLU C 25 10.18 18.53 4.03
CA GLU C 25 11.09 18.80 2.92
C GLU C 25 12.35 19.46 3.44
N ALA C 26 13.47 19.20 2.76
CA ALA C 26 14.73 19.76 3.20
C ALA C 26 15.60 20.07 1.98
N CYS C 27 16.48 21.05 2.14
CA CYS C 27 17.39 21.49 1.09
C CYS C 27 18.80 21.05 1.47
N TRP C 28 19.27 20.00 0.81
CA TRP C 28 20.63 19.53 0.99
C TRP C 28 21.57 20.37 0.12
N ASP C 29 22.57 20.99 0.73
CA ASP C 29 23.58 21.76 0.01
C ASP C 29 24.83 20.90 -0.05
N ILE C 30 25.14 20.39 -1.24
CA ILE C 30 26.31 19.56 -1.49
C ILE C 30 27.38 20.41 -2.14
N SER C 31 28.58 20.39 -1.56
CA SER C 31 29.72 21.11 -2.12
C SER C 31 30.97 20.25 -1.90
N SER C 32 32.08 20.71 -2.51
CA SER C 32 33.33 19.97 -2.39
C SER C 32 33.72 19.72 -0.95
N SER C 33 33.22 20.54 -0.02
CA SER C 33 33.52 20.33 1.39
C SER C 33 32.67 19.21 1.98
N GLY C 34 31.38 19.19 1.67
CA GLY C 34 30.53 18.12 2.17
C GLY C 34 29.06 18.45 2.00
N VAL C 35 28.25 17.82 2.86
CA VAL C 35 26.81 17.99 2.88
C VAL C 35 26.43 18.91 4.04
N ASN C 36 25.51 19.84 3.77
CA ASN C 36 25.01 20.75 4.79
C ASN C 36 23.50 20.91 4.65
N LEU C 37 22.78 20.69 5.74
CA LEU C 37 21.33 20.85 5.77
C LEU C 37 20.97 21.80 6.91
N GLN C 38 20.04 22.70 6.64
CA GLN C 38 19.63 23.69 7.64
C GLN C 38 18.18 24.03 7.38
N SER C 39 17.30 23.66 8.30
CA SER C 39 15.88 23.87 8.05
C SER C 39 15.11 23.97 9.35
N MET C 40 13.91 24.51 9.25
CA MET C 40 12.98 24.59 10.36
C MET C 40 11.93 23.48 10.24
N ASP C 41 11.20 23.27 11.34
CA ASP C 41 10.18 22.24 11.36
C ASP C 41 8.88 22.77 10.76
N SER C 42 7.89 21.88 10.66
CA SER C 42 6.63 22.24 10.02
C SER C 42 5.95 23.42 10.71
N SER C 43 6.29 23.68 11.98
CA SER C 43 5.73 24.79 12.74
C SER C 43 6.68 25.96 12.84
N HIS C 44 7.89 25.82 12.28
CA HIS C 44 8.88 26.89 12.26
C HIS C 44 9.20 27.38 13.68
N VAL C 45 9.35 26.43 14.60
CA VAL C 45 9.67 26.75 15.99
C VAL C 45 11.07 26.33 16.42
N SER C 46 11.67 25.36 15.74
CA SER C 46 13.01 24.86 16.05
C SER C 46 13.84 24.86 14.77
N LEU C 47 15.11 24.46 14.89
CA LEU C 47 15.98 24.50 13.72
C LEU C 47 16.97 23.34 13.76
N VAL C 48 17.04 22.60 12.66
CA VAL C 48 17.94 21.46 12.51
C VAL C 48 19.08 21.86 11.60
N GLN C 49 20.30 21.48 11.98
CA GLN C 49 21.51 21.75 11.23
C GLN C 49 22.34 20.47 11.17
N LEU C 50 22.39 19.87 9.99
CA LEU C 50 23.18 18.66 9.73
C LEU C 50 24.44 19.04 8.96
N THR C 51 25.58 18.52 9.39
CA THR C 51 26.84 18.73 8.69
C THR C 51 27.56 17.40 8.57
N LEU C 52 27.83 16.98 7.33
CA LEU C 52 28.59 15.77 7.04
C LEU C 52 29.80 16.18 6.22
N ARG C 53 30.99 15.85 6.72
CA ARG C 53 32.22 16.33 6.11
C ARG C 53 32.69 15.39 5.02
N SER C 54 33.17 15.94 3.92
CA SER C 54 33.67 15.11 2.82
C SER C 54 34.78 14.17 3.29
N GLU C 55 35.52 14.57 4.32
CA GLU C 55 36.58 13.74 4.86
C GLU C 55 36.05 12.58 5.70
N GLY C 56 34.73 12.47 5.87
CA GLY C 56 34.16 11.39 6.63
C GLY C 56 33.66 10.27 5.75
N PHE C 57 33.59 10.54 4.45
CA PHE C 57 33.11 9.56 3.49
C PHE C 57 34.29 8.73 2.98
N ASP C 58 33.98 7.53 2.49
CA ASP C 58 35.01 6.70 1.89
C ASP C 58 35.48 7.28 0.56
N THR C 59 34.57 7.92 -0.18
CA THR C 59 34.94 8.55 -1.44
C THR C 59 34.04 9.76 -1.66
N TYR C 60 34.60 10.94 -1.87
CA TYR C 60 33.79 12.12 -2.10
C TYR C 60 34.27 12.85 -3.35
N ARG C 61 33.35 13.14 -4.27
CA ARG C 61 33.66 13.95 -5.44
C ARG C 61 32.48 14.87 -5.71
N CYS C 62 32.74 16.18 -5.76
CA CYS C 62 31.72 17.15 -6.11
C CYS C 62 32.28 18.20 -7.04
N ASP C 63 31.49 18.54 -8.07
CA ASP C 63 31.91 19.54 -9.05
C ASP C 63 31.20 20.87 -8.81
N ARG C 64 29.89 20.91 -9.08
CA ARG C 64 29.10 22.10 -8.86
C ARG C 64 28.25 21.95 -7.60
N ASN C 65 28.05 23.08 -6.91
CA ASN C 65 27.19 23.12 -5.73
C ASN C 65 25.77 22.69 -6.06
N LEU C 66 25.30 21.63 -5.41
CA LEU C 66 23.96 21.12 -5.64
C LEU C 66 23.06 21.52 -4.49
N ALA C 67 21.80 21.86 -4.81
CA ALA C 67 20.80 22.29 -3.84
C ALA C 67 19.60 21.39 -4.09
N MET C 68 19.53 20.29 -3.36
CA MET C 68 18.54 19.24 -3.60
C MET C 68 17.37 19.42 -2.65
N GLY C 69 16.17 19.62 -3.20
CA GLY C 69 14.97 19.63 -2.39
C GLY C 69 14.42 18.23 -2.30
N VAL C 70 14.48 17.62 -1.10
CA VAL C 70 14.16 16.21 -0.93
C VAL C 70 13.10 16.05 0.14
N ASN C 71 12.24 15.05 -0.06
CA ASN C 71 11.27 14.63 0.94
C ASN C 71 11.94 13.61 1.86
N LEU C 72 12.03 13.94 3.15
CA LEU C 72 12.80 13.11 4.08
C LEU C 72 12.11 11.78 4.35
N THR C 73 10.79 11.73 4.23
CA THR C 73 10.08 10.46 4.42
C THR C 73 10.42 9.47 3.31
N SER C 74 10.39 9.92 2.06
CA SER C 74 10.77 9.05 0.95
C SER C 74 12.21 8.57 1.09
N MET C 75 13.11 9.48 1.49
CA MET C 75 14.51 9.08 1.66
C MET C 75 14.66 8.07 2.79
N SER C 76 13.90 8.23 3.86
CA SER C 76 13.95 7.25 4.95
C SER C 76 13.44 5.90 4.49
N LYS C 77 12.35 5.89 3.73
CA LYS C 77 11.87 4.66 3.12
C LYS C 77 12.97 4.00 2.31
N ILE C 78 13.58 4.75 1.39
CA ILE C 78 14.61 4.17 0.52
C ILE C 78 15.80 3.69 1.32
N LEU C 79 16.09 4.32 2.46
CA LEU C 79 17.25 3.92 3.24
C LEU C 79 16.96 2.71 4.13
N LYS C 80 15.70 2.51 4.52
CA LYS C 80 15.36 1.28 5.23
C LYS C 80 15.57 0.06 4.35
N CYS C 81 15.63 0.24 3.04
CA CYS C 81 15.94 -0.81 2.08
C CYS C 81 17.43 -1.14 2.00
N ALA C 82 18.24 -0.65 2.94
CA ALA C 82 19.68 -0.84 2.88
C ALA C 82 20.13 -1.91 3.87
N GLY C 83 21.21 -2.61 3.50
CA GLY C 83 21.79 -3.62 4.36
C GLY C 83 22.77 -3.04 5.36
N ASN C 84 22.90 -3.73 6.50
CA ASN C 84 23.78 -3.24 7.55
C ASN C 84 25.23 -3.18 7.08
N GLU C 85 25.62 -4.07 6.17
CA GLU C 85 26.96 -4.09 5.61
C GLU C 85 27.02 -3.54 4.19
N ASP C 86 25.91 -3.09 3.64
CA ASP C 86 25.89 -2.61 2.26
C ASP C 86 26.65 -1.30 2.13
N ILE C 87 27.36 -1.15 1.02
CA ILE C 87 28.07 0.09 0.69
C ILE C 87 27.08 1.02 -0.01
N ILE C 88 26.91 2.23 0.54
CA ILE C 88 25.95 3.19 0.00
C ILE C 88 26.68 4.15 -0.91
N THR C 89 26.04 4.52 -2.02
CA THR C 89 26.62 5.48 -2.96
C THR C 89 25.55 6.48 -3.37
N LEU C 90 25.82 7.75 -3.11
CA LEU C 90 24.92 8.83 -3.53
C LEU C 90 25.49 9.47 -4.79
N ARG C 91 24.61 9.83 -5.72
CA ARG C 91 25.03 10.42 -6.97
C ARG C 91 24.00 11.44 -7.47
N ALA C 92 24.50 12.45 -8.16
CA ALA C 92 23.67 13.46 -8.80
C ALA C 92 24.48 14.18 -9.87
N GLU C 93 23.77 14.70 -10.87
CA GLU C 93 24.38 15.49 -11.92
C GLU C 93 24.27 16.97 -11.60
N ASP C 94 25.08 17.77 -12.30
CA ASP C 94 25.09 19.21 -12.04
C ASP C 94 23.73 19.83 -12.31
N ASN C 95 23.15 19.53 -13.47
CA ASN C 95 21.81 20.00 -13.79
C ASN C 95 20.83 18.84 -13.77
N ALA C 96 20.69 18.19 -12.62
CA ALA C 96 19.89 16.99 -12.47
C ALA C 96 18.64 17.27 -11.64
N ASP C 97 17.64 16.41 -11.84
CA ASP C 97 16.39 16.46 -11.09
C ASP C 97 16.13 15.17 -10.34
N THR C 98 17.20 14.44 -9.99
CA THR C 98 17.08 13.15 -9.32
C THR C 98 18.33 12.88 -8.51
N LEU C 99 18.14 12.26 -7.35
CA LEU C 99 19.24 11.80 -6.51
C LEU C 99 19.27 10.27 -6.53
N ALA C 100 20.45 9.70 -6.77
CA ALA C 100 20.59 8.25 -6.90
C ALA C 100 21.24 7.66 -5.65
N LEU C 101 20.58 6.66 -5.08
CA LEU C 101 21.12 5.89 -3.97
C LEU C 101 21.38 4.46 -4.44
N VAL C 102 22.61 3.99 -4.30
CA VAL C 102 23.03 2.68 -4.77
C VAL C 102 23.55 1.89 -3.58
N PHE C 103 22.81 0.86 -3.18
CA PHE C 103 23.22 -0.06 -2.12
C PHE C 103 23.87 -1.28 -2.77
N GLU C 104 25.14 -1.49 -2.43
CA GLU C 104 25.96 -2.58 -2.96
C GLU C 104 26.17 -3.64 -1.89
N ALA C 105 25.92 -4.90 -2.25
CA ALA C 105 26.10 -6.00 -1.33
C ALA C 105 27.59 -6.30 -1.12
N PRO C 106 27.94 -6.96 -0.01
CA PRO C 106 29.36 -7.18 0.29
C PRO C 106 30.11 -8.01 -0.74
N ASN C 107 29.46 -8.98 -1.38
CA ASN C 107 30.15 -9.86 -2.32
C ASN C 107 29.61 -9.71 -3.74
N GLN C 108 28.92 -8.61 -4.03
CA GLN C 108 28.44 -8.29 -5.37
C GLN C 108 27.54 -9.41 -5.91
N GLU C 109 26.49 -9.71 -5.16
CA GLU C 109 25.43 -10.56 -5.65
C GLU C 109 24.06 -9.93 -5.59
N LYS C 110 23.90 -8.80 -4.89
CA LYS C 110 22.68 -8.02 -4.88
C LYS C 110 23.05 -6.56 -5.04
N VAL C 111 22.23 -5.80 -5.77
CA VAL C 111 22.53 -4.40 -6.01
C VAL C 111 21.24 -3.62 -6.19
N SER C 112 20.96 -2.70 -5.27
CA SER C 112 19.76 -1.89 -5.35
C SER C 112 20.13 -0.49 -5.82
N ASP C 113 19.33 0.04 -6.75
CA ASP C 113 19.58 1.37 -7.32
C ASP C 113 18.26 2.12 -7.37
N TYR C 114 18.10 3.10 -6.47
CA TYR C 114 16.90 3.90 -6.40
C TYR C 114 17.19 5.31 -6.87
N GLU C 115 16.20 5.91 -7.53
CA GLU C 115 16.28 7.27 -8.05
C GLU C 115 15.15 8.08 -7.45
N MET C 116 15.49 9.00 -6.57
CA MET C 116 14.53 9.80 -5.83
C MET C 116 14.33 11.13 -6.55
N LYS C 117 13.07 11.46 -6.78
CA LYS C 117 12.75 12.72 -7.45
C LYS C 117 13.05 13.89 -6.52
N LEU C 118 13.68 14.93 -7.07
CA LEU C 118 13.98 16.13 -6.31
C LEU C 118 12.90 17.18 -6.58
N MET C 119 12.98 18.28 -5.83
CA MET C 119 11.99 19.34 -5.93
C MET C 119 12.63 20.66 -5.52
N ASP C 120 11.93 21.75 -5.85
CA ASP C 120 12.37 23.10 -5.55
C ASP C 120 11.61 23.64 -4.34
N LEU C 121 12.34 24.17 -3.37
CA LEU C 121 11.76 24.62 -2.12
C LEU C 121 12.60 25.77 -1.59
N ASP C 122 11.94 26.79 -1.05
CA ASP C 122 12.62 27.99 -0.62
C ASP C 122 13.19 27.82 0.78
N VAL C 123 13.77 28.89 1.31
CA VAL C 123 14.34 28.89 2.65
C VAL C 123 14.61 30.31 3.12
N GLN C 125 17.86 29.49 5.38
CA GLN C 125 18.95 29.10 6.26
C GLN C 125 19.59 30.32 6.88
N LEU C 126 19.07 30.74 8.03
CA LEU C 126 19.60 31.94 8.66
C LEU C 126 20.80 31.54 9.51
N GLY C 127 21.65 32.51 9.83
CA GLY C 127 22.95 32.22 10.38
C GLY C 127 23.13 32.26 11.89
N ILE C 128 23.37 31.10 12.48
CA ILE C 128 23.59 30.99 13.93
C ILE C 128 25.09 31.14 14.16
N PRO C 129 25.54 32.32 14.59
CA PRO C 129 26.97 32.51 14.86
C PRO C 129 27.39 31.82 16.14
N GLU C 130 28.64 31.37 16.15
CA GLU C 130 29.19 30.75 17.35
C GLU C 130 29.06 31.69 18.54
N GLN C 131 28.45 31.20 19.61
CA GLN C 131 28.11 31.99 20.79
C GLN C 131 28.76 31.37 22.02
N GLU C 132 28.76 32.13 23.11
CA GLU C 132 29.18 31.64 24.41
C GLU C 132 27.95 31.43 25.28
N TYR C 133 27.79 30.22 25.79
CA TYR C 133 26.61 29.80 26.52
C TYR C 133 26.89 29.74 28.03
N SER C 134 25.85 30.03 28.81
CA SER C 134 25.99 29.99 30.26
C SER C 134 26.41 28.61 30.75
N CYS C 135 25.59 27.60 30.47
CA CYS C 135 25.83 26.24 30.94
C CYS C 135 26.02 25.31 29.75
N VAL C 136 26.97 24.38 29.88
CA VAL C 136 27.24 23.38 28.85
C VAL C 136 27.40 22.03 29.54
N VAL C 137 26.42 21.15 29.35
CA VAL C 137 26.38 19.85 30.01
C VAL C 137 26.55 18.75 28.96
N LYS C 138 27.56 17.92 29.13
CA LYS C 138 27.79 16.75 28.28
C LYS C 138 27.42 15.52 29.08
N MET C 139 26.37 14.83 28.65
CA MET C 139 25.81 13.69 29.38
C MET C 139 25.57 12.54 28.44
N PRO C 140 25.19 11.37 28.95
CA PRO C 140 24.85 10.25 28.07
C PRO C 140 23.64 10.57 27.22
N SER C 141 23.67 10.12 25.96
CA SER C 141 22.53 10.32 25.07
C SER C 141 21.31 9.58 25.60
N GLY C 142 21.50 8.32 26.00
CA GLY C 142 20.38 7.51 26.40
C GLY C 142 19.66 8.05 27.61
N GLU C 143 20.43 8.53 28.60
CA GLU C 143 19.81 9.08 29.81
C GLU C 143 18.98 10.32 29.50
N PHE C 144 19.48 11.20 28.63
CA PHE C 144 18.72 12.39 28.27
C PHE C 144 17.44 12.03 27.53
N ALA C 145 17.52 11.10 26.58
CA ALA C 145 16.33 10.66 25.87
C ALA C 145 15.34 10.02 26.84
N ARG C 146 15.85 9.20 27.77
CA ARG C 146 15.05 8.63 28.83
C ARG C 146 14.29 9.70 29.59
N ILE C 147 15.03 10.68 30.13
CA ILE C 147 14.45 11.72 30.96
C ILE C 147 13.37 12.48 30.21
N CYS C 148 13.65 12.87 28.95
N CYS C 148 13.65 12.87 28.97
CA CYS C 148 12.64 13.57 28.18
CA CYS C 148 12.64 13.58 28.18
C CYS C 148 11.37 12.73 28.03
C CYS C 148 11.37 12.75 28.02
N ARG C 149 11.53 11.48 27.62
CA ARG C 149 10.40 10.55 27.52
C ARG C 149 9.60 10.45 28.81
N ASP C 150 10.29 10.15 29.92
CA ASP C 150 9.64 10.07 31.22
C ASP C 150 8.84 11.34 31.52
N LEU C 151 9.54 12.48 31.62
CA LEU C 151 8.89 13.75 31.92
C LEU C 151 7.81 14.13 30.92
N SER C 152 7.75 13.48 29.75
CA SER C 152 6.65 13.74 28.85
C SER C 152 5.32 13.19 29.37
N HIS C 153 5.36 12.16 30.24
CA HIS C 153 4.13 11.64 30.82
C HIS C 153 3.55 12.56 31.88
N ILE C 154 4.36 13.43 32.48
CA ILE C 154 3.91 14.32 33.55
C ILE C 154 3.30 15.57 32.92
N GLY C 155 4.13 16.38 32.27
CA GLY C 155 3.68 17.58 31.61
C GLY C 155 4.29 17.71 30.23
N ASP C 156 3.95 18.80 29.55
CA ASP C 156 4.42 19.03 28.20
C ASP C 156 5.70 19.87 28.15
N ALA C 157 5.99 20.63 29.20
CA ALA C 157 7.16 21.48 29.26
C ALA C 157 8.10 20.99 30.37
N VAL C 158 9.39 21.20 30.16
CA VAL C 158 10.42 20.77 31.10
C VAL C 158 11.23 21.98 31.51
N VAL C 159 11.48 22.12 32.82
CA VAL C 159 12.30 23.18 33.37
C VAL C 159 13.66 22.56 33.66
N ILE C 160 14.62 22.88 32.79
CA ILE C 160 16.01 22.46 32.99
C ILE C 160 16.72 23.56 33.79
N SER C 161 17.30 23.19 34.92
CA SER C 161 18.01 24.11 35.79
C SER C 161 19.40 23.56 36.06
N CYS C 162 20.42 24.28 35.63
CA CYS C 162 21.80 23.87 35.79
C CYS C 162 22.48 24.73 36.86
N ALA C 163 23.24 24.06 37.72
CA ALA C 163 23.99 24.67 38.81
C ALA C 163 25.18 23.79 39.11
N LYS C 164 25.95 24.18 40.13
CA LYS C 164 27.22 23.52 40.39
C LYS C 164 27.06 22.09 40.89
N ASP C 165 25.96 21.79 41.57
CA ASP C 165 25.76 20.43 42.08
C ASP C 165 25.35 19.47 40.96
N GLY C 166 24.50 19.92 40.05
CA GLY C 166 24.04 19.07 38.98
C GLY C 166 22.98 19.79 38.17
N VAL C 167 22.42 19.05 37.22
CA VAL C 167 21.34 19.58 36.39
C VAL C 167 20.06 18.92 36.85
N LYS C 168 18.95 19.65 36.75
CA LYS C 168 17.69 19.15 37.25
C LYS C 168 16.59 19.45 36.25
N PHE C 169 15.79 18.42 35.93
CA PHE C 169 14.71 18.51 34.97
C PHE C 169 13.39 18.38 35.74
N SER C 170 12.47 19.31 35.51
CA SER C 170 11.25 19.40 36.30
C SER C 170 10.02 19.52 35.41
N ALA C 171 8.96 18.79 35.75
CA ALA C 171 7.70 18.85 35.01
C ALA C 171 6.54 18.87 35.99
N SER C 172 5.41 19.41 35.54
CA SER C 172 4.23 19.54 36.39
C SER C 172 2.96 19.47 35.55
N GLY C 173 2.02 18.64 35.96
CA GLY C 173 0.73 18.50 35.31
C GLY C 173 -0.36 18.21 36.32
N GLU C 174 -1.60 18.08 35.82
CA GLU C 174 -2.75 17.75 36.68
C GLU C 174 -2.52 16.53 37.57
N LEU C 175 -1.61 15.63 37.20
CA LEU C 175 -1.42 14.42 37.98
C LEU C 175 -0.22 14.50 38.92
N GLY C 176 0.43 15.66 39.00
CA GLY C 176 1.52 15.80 39.94
C GLY C 176 2.72 16.53 39.37
N ASN C 177 3.91 16.20 39.85
CA ASN C 177 5.12 16.83 39.37
C ASN C 177 6.27 15.86 39.49
N GLY C 178 7.25 16.01 38.60
CA GLY C 178 8.43 15.16 38.60
C GLY C 178 9.70 15.99 38.54
N ASN C 179 10.74 15.47 39.18
CA ASN C 179 12.00 16.19 39.29
C ASN C 179 13.15 15.16 39.26
N ILE C 180 13.80 15.05 38.11
CA ILE C 180 14.98 14.22 37.97
C ILE C 180 16.21 15.09 38.19
N LYS C 181 17.19 14.56 38.91
CA LYS C 181 18.37 15.32 39.28
C LYS C 181 19.61 14.49 38.93
N LEU C 182 20.46 15.02 38.06
CA LEU C 182 21.70 14.38 37.66
C LEU C 182 22.84 15.12 38.33
N SER C 183 23.64 14.39 39.10
CA SER C 183 24.73 14.93 39.89
C SER C 183 26.06 14.63 39.21
N GLN C 184 27.07 15.43 39.52
CA GLN C 184 28.38 15.22 38.93
C GLN C 184 28.93 13.87 39.36
N THR C 185 30.01 13.45 38.70
CA THR C 185 30.55 12.12 38.90
C THR C 185 31.12 11.95 40.30
N SER C 186 30.76 10.84 40.94
CA SER C 186 31.30 10.45 42.24
C SER C 186 32.24 9.24 42.04
N ASN C 187 32.04 8.13 42.74
CA ASN C 187 32.93 6.98 42.57
C ASN C 187 34.41 7.35 42.51
N VAL C 188 35.08 7.03 41.40
CA VAL C 188 36.48 7.39 41.20
C VAL C 188 36.60 8.31 39.99
N ASP C 189 37.81 8.81 39.75
CA ASP C 189 38.06 9.67 38.60
C ASP C 189 38.39 8.82 37.37
N LYS C 190 37.88 7.59 37.34
CA LYS C 190 37.90 6.77 36.14
C LYS C 190 36.60 6.91 35.36
N GLU C 191 35.90 8.04 35.54
CA GLU C 191 34.66 8.34 34.86
C GLU C 191 34.74 9.80 34.38
N GLU C 192 35.47 10.01 33.28
CA GLU C 192 35.50 11.34 32.67
C GLU C 192 34.15 11.66 32.05
N GLU C 193 33.44 10.64 31.61
CA GLU C 193 32.24 10.78 30.80
C GLU C 193 31.02 10.30 31.58
N ALA C 194 30.54 11.16 32.47
CA ALA C 194 29.27 10.95 33.15
C ALA C 194 28.40 12.15 32.77
N VAL C 195 28.22 13.09 33.67
CA VAL C 195 27.59 14.37 33.39
C VAL C 195 28.62 15.44 33.69
N THR C 196 29.27 15.97 32.67
CA THR C 196 30.27 17.01 32.85
C THR C 196 29.61 18.35 32.60
N ILE C 197 29.78 19.27 33.54
CA ILE C 197 29.14 20.58 33.45
C ILE C 197 30.22 21.65 33.37
N GLU C 198 29.99 22.62 32.49
CA GLU C 198 30.79 23.84 32.45
C GLU C 198 29.81 24.99 32.66
N MET C 199 29.89 25.61 33.83
CA MET C 199 28.92 26.63 34.23
C MET C 199 29.58 28.00 34.25
N ASN C 200 28.80 29.00 33.85
CA ASN C 200 29.16 30.40 33.97
C ASN C 200 28.21 31.17 34.87
N GLU C 201 26.94 30.80 34.90
CA GLU C 201 25.91 31.43 35.69
C GLU C 201 24.72 30.47 35.80
N PRO C 202 24.16 30.27 36.99
CA PRO C 202 23.08 29.29 37.14
C PRO C 202 21.99 29.55 36.11
N VAL C 203 21.37 28.48 35.64
CA VAL C 203 20.37 28.61 34.58
C VAL C 203 19.10 27.88 34.99
N GLN C 204 17.96 28.42 34.57
CA GLN C 204 16.66 27.80 34.82
C GLN C 204 15.75 28.20 33.66
N LEU C 205 15.62 27.30 32.68
CA LEU C 205 14.88 27.58 31.46
C LEU C 205 13.76 26.56 31.26
N THR C 206 12.75 26.98 30.50
CA THR C 206 11.59 26.15 30.20
C THR C 206 11.56 25.84 28.71
N PHE C 207 11.46 24.55 28.37
CA PHE C 207 11.50 24.11 26.99
C PHE C 207 10.34 23.15 26.72
N ALA C 208 9.94 23.08 25.47
CA ALA C 208 8.86 22.17 25.07
C ALA C 208 9.39 20.75 24.97
N LEU C 209 8.61 19.79 25.48
CA LEU C 209 9.03 18.39 25.48
C LEU C 209 8.72 17.68 24.17
N ARG C 210 7.70 18.12 23.44
CA ARG C 210 7.42 17.51 22.13
C ARG C 210 8.64 17.63 21.22
N TYR C 211 9.22 18.83 21.14
CA TYR C 211 10.37 19.04 20.27
C TYR C 211 11.64 18.42 20.85
N LEU C 212 11.74 18.33 22.18
CA LEU C 212 12.87 17.61 22.77
C LEU C 212 12.83 16.13 22.41
N ASN C 213 11.63 15.54 22.43
CA ASN C 213 11.50 14.14 22.04
C ASN C 213 11.69 13.97 20.53
N PHE C 214 11.33 14.99 19.75
CA PHE C 214 11.70 14.99 18.34
C PHE C 214 13.21 14.95 18.17
N PHE C 215 13.92 15.74 18.98
CA PHE C 215 15.38 15.79 18.87
C PHE C 215 16.03 14.50 19.32
N THR C 216 15.47 13.86 20.35
CA THR C 216 16.09 12.69 20.95
C THR C 216 16.10 11.47 20.03
N LYS C 217 15.54 11.56 18.82
CA LYS C 217 15.59 10.44 17.89
C LYS C 217 17.00 10.19 17.37
N ALA C 218 17.89 11.18 17.47
CA ALA C 218 19.27 11.02 17.04
C ALA C 218 20.15 10.33 18.08
N THR C 219 19.54 9.73 19.09
CA THR C 219 20.33 9.08 20.14
C THR C 219 21.24 7.98 19.61
N PRO C 220 20.83 7.15 18.65
CA PRO C 220 21.73 6.11 18.13
C PRO C 220 23.00 6.65 17.51
N LEU C 221 23.06 7.94 17.18
CA LEU C 221 24.22 8.48 16.49
C LEU C 221 25.41 8.65 17.43
N SER C 222 25.17 9.06 18.67
CA SER C 222 26.23 9.29 19.64
C SER C 222 25.81 8.73 20.99
N SER C 223 26.81 8.28 21.75
CA SER C 223 26.56 7.83 23.12
C SER C 223 26.51 8.99 24.10
N THR C 224 26.83 10.20 23.65
CA THR C 224 26.75 11.40 24.47
C THR C 224 26.01 12.49 23.72
N VAL C 225 25.40 13.39 24.48
CA VAL C 225 24.70 14.56 23.95
C VAL C 225 25.15 15.78 24.75
N THR C 226 25.25 16.92 24.08
CA THR C 226 25.69 18.16 24.71
C THR C 226 24.56 19.18 24.67
N LEU C 227 24.10 19.58 25.85
CA LEU C 227 23.14 20.66 26.00
C LEU C 227 23.87 21.97 26.30
N SER C 228 23.46 23.04 25.63
CA SER C 228 24.04 24.36 25.81
C SER C 228 22.91 25.34 26.05
N MET C 229 22.95 26.05 27.17
CA MET C 229 21.81 26.84 27.62
C MET C 229 22.27 28.20 28.14
N SER C 230 21.47 29.22 27.84
CA SER C 230 21.62 30.55 28.42
C SER C 230 20.27 31.25 28.40
N ALA C 231 20.01 32.06 29.43
CA ALA C 231 18.70 32.69 29.59
C ALA C 231 18.37 33.56 28.38
N ASP C 232 17.12 33.46 27.93
CA ASP C 232 16.55 34.25 26.84
C ASP C 232 17.16 33.93 25.49
N VAL C 233 18.11 33.00 25.42
CA VAL C 233 18.74 32.61 24.16
C VAL C 233 18.46 31.13 23.95
N PRO C 234 18.32 30.67 22.72
CA PRO C 234 17.87 29.28 22.50
C PRO C 234 18.82 28.24 23.07
N LEU C 235 18.27 27.06 23.28
CA LEU C 235 19.00 25.89 23.73
C LEU C 235 19.55 25.12 22.54
N VAL C 236 20.77 24.62 22.69
CA VAL C 236 21.47 23.86 21.66
C VAL C 236 21.60 22.43 22.15
N VAL C 237 20.86 21.51 21.53
CA VAL C 237 21.04 20.08 21.74
C VAL C 237 21.91 19.58 20.61
N GLU C 238 23.10 19.08 20.94
CA GLU C 238 24.09 18.72 19.94
C GLU C 238 24.41 17.24 20.06
N TYR C 239 24.19 16.51 18.96
CA TYR C 239 24.68 15.15 18.82
C TYR C 239 25.85 15.21 17.85
N LYS C 240 26.96 14.62 18.23
CA LYS C 240 28.14 14.60 17.38
C LYS C 240 28.15 13.29 16.62
N ILE C 241 28.19 13.36 15.30
CA ILE C 241 28.43 12.15 14.53
C ILE C 241 29.95 12.03 14.55
N ALA C 242 30.44 11.22 15.50
CA ALA C 242 31.82 11.31 15.97
C ALA C 242 32.85 11.18 14.86
N ASP C 243 32.52 10.50 13.78
CA ASP C 243 33.47 10.35 12.69
C ASP C 243 32.98 10.96 11.38
N MET C 244 32.12 11.97 11.44
CA MET C 244 31.57 12.42 10.18
C MET C 244 31.17 13.88 10.23
N GLY C 245 30.64 14.30 11.37
CA GLY C 245 30.22 15.67 11.52
C GLY C 245 29.32 15.83 12.72
N HIS C 246 28.15 16.44 12.51
CA HIS C 246 27.30 16.73 13.65
C HIS C 246 25.87 17.01 13.22
N LEU C 247 24.94 16.78 14.15
CA LEU C 247 23.56 17.16 13.99
C LEU C 247 23.15 17.98 15.19
N LYS C 248 22.63 19.19 14.94
CA LYS C 248 22.36 20.17 15.98
C LYS C 248 20.91 20.61 15.91
N TYR C 249 20.21 20.49 17.03
CA TYR C 249 18.83 20.97 17.16
C TYR C 249 18.84 22.23 18.03
N TYR C 250 18.10 23.24 17.60
CA TYR C 250 18.01 24.52 18.30
C TYR C 250 16.55 24.75 18.67
N LEU C 251 16.31 25.04 19.96
CA LEU C 251 14.95 25.20 20.48
C LEU C 251 14.85 26.46 21.34
N ALA C 252 13.85 27.33 21.04
CA ALA C 252 13.68 28.56 21.81
C ALA C 252 12.90 28.31 23.10
N PRO C 253 13.34 28.93 24.22
CA PRO C 253 12.63 28.77 25.50
C PRO C 253 11.49 29.75 25.75
N LYS C 254 10.80 29.55 26.88
CA LYS C 254 9.83 30.47 27.46
C LYS C 254 8.50 30.56 26.71
N ILE C 255 7.73 29.48 26.71
CA ILE C 255 6.40 29.43 26.12
C ILE C 255 6.37 30.11 24.76
N ARG D 2 -2.73 -3.05 -18.85
CA ARG D 2 -2.87 -2.83 -17.41
C ARG D 2 -4.36 -2.70 -17.07
N GLN D 3 -5.04 -3.66 -16.18
CA GLN D 3 -4.40 -4.80 -15.56
C GLN D 3 -5.28 -6.02 -15.91
N CYS D 4 -4.72 -7.05 -16.83
CA CYS D 4 -5.45 -8.26 -17.27
C CYS D 4 -6.06 -9.10 -16.16
N SER D 5 -7.43 -9.70 -16.38
CA SER D 5 -7.96 -10.54 -15.33
C SER D 5 -7.26 -11.91 -15.56
N MET D 6 -7.23 -12.97 -14.47
CA MET D 6 -6.57 -14.24 -14.75
C MET D 6 -7.27 -14.91 -15.90
N THR D 7 -8.52 -14.33 -16.39
CA THR D 7 -9.30 -14.85 -17.51
C THR D 7 -8.37 -14.59 -18.73
N CYS D 8 -8.90 -14.23 -20.07
CA CYS D 8 -7.96 -13.98 -21.16
C CYS D 8 -6.98 -15.17 -21.40
N PHE D 9 -6.54 -16.04 -20.27
CA PHE D 9 -5.59 -17.12 -20.49
C PHE D 9 -6.16 -18.50 -20.14
N TYR D 10 -7.14 -18.65 -19.03
CA TYR D 10 -7.66 -19.98 -18.66
C TYR D 10 -9.18 -20.06 -18.77
N HIS D 11 -9.85 -21.37 -18.96
CA HIS D 11 -11.29 -21.44 -19.07
C HIS D 11 -11.86 -22.73 -18.47
N SER D 12 -11.46 -24.04 -19.01
C ARG E 2 -1.81 6.13 2.14
N GLN E 3 -1.95 5.16 1.05
CA GLN E 3 -3.16 5.21 0.28
C GLN E 3 -4.34 4.74 1.15
N CYS E 4 -5.62 4.80 1.91
CA CYS E 4 -6.19 3.59 2.53
C CYS E 4 -6.94 2.75 1.49
N SER E 5 -6.87 1.26 1.55
CA SER E 5 -7.59 0.46 0.57
C SER E 5 -9.07 0.50 1.05
N MET E 6 -10.23 0.61 0.09
CA MET E 6 -11.59 0.66 0.63
C MET E 6 -11.89 -0.56 1.48
N THR E 7 -10.98 -1.05 2.49
CA THR E 7 -11.37 -2.25 3.26
C THR E 7 -10.18 -2.75 4.13
N CYS E 8 -9.66 -2.08 5.36
CA CYS E 8 -10.14 -0.85 5.98
C CYS E 8 -11.68 -0.90 6.23
N PHE E 9 -12.65 -0.15 5.36
CA PHE E 9 -14.07 -0.30 5.69
C PHE E 9 -14.44 -1.74 5.22
N TYR E 10 -15.75 -2.32 4.79
CA TYR E 10 -17.03 -1.66 4.63
C TYR E 10 -18.11 -2.59 4.07
N HIS E 11 -18.38 -4.03 4.35
CA HIS E 11 -17.74 -4.95 5.25
C HIS E 11 -18.49 -6.29 5.13
N SER E 12 -19.91 -6.36 5.51
#